data_1WZM
#
_entry.id   1WZM
#
_cell.length_a   110.663
_cell.length_b   115.900
_cell.length_c   112.594
_cell.angle_alpha   90.00
_cell.angle_beta   90.00
_cell.angle_gamma   90.00
#
_symmetry.space_group_name_H-M   'P 21 21 21'
#
loop_
_entity.id
_entity.type
_entity.pdbx_description
1 polymer 'Alpha-amylase II'
2 non-polymer 'CALCIUM ION'
#
_entity_poly.entity_id   1
_entity_poly.type   'polypeptide(L)'
_entity_poly.pdbx_seq_one_letter_code
;MLLEAIFHEAKGSYAYPISETQLRVRLRAKKGDVVRCEVLYADRYASPEEELAHALAGKAGSDERFDYFEALLECSTKRV
KYVFLLTGPQGEAVYFGETGFSAERSKAGVFQYAYIHRSEVFTTPEWAKEAVIYQIFPERFANGDPSNDPPGTEQWAKDA
RPRHDSFYGGDLKGVIDRLPYLEELGVTALYFTPIFASPSHHKYDTADYLAIDPQFGDLPTFRRLVDEAHRRGIKIILDA
VFNHAGDQFFAFRDVLQKGEQSRYKDWFFIEDFPVSKTSRTNYETFAVQVPAMPKLRTENPEVKEYLFDVARFWMEQGID
GWRLDVANEVDHAFWREFRRLVKSLNPDALIVGEIWHDASGWLMGDQFDSVMNYLFRESVIRFFATGEIHAERFDAELTR
ARMLYPEQAAQGLWNLLDSHDTERFLTSCGGNEAKFRLAVLFQMTYLGTPLIYYGDEIGMAGATDPDCKRPMIWEEKEQN
RGLFEFYKELIRLRHRLASLTRGNVRSWHADKQANLYAFVRTVQDQHVGVVLNNRGEKQTVLLQVPESGGKTWLDCLTGE
EVHGKQGQLKLTLRPYQGMILWNGR
;
_entity_poly.pdbx_strand_id   A,B
#
loop_
_chem_comp.id
_chem_comp.type
_chem_comp.name
_chem_comp.formula
CA non-polymer 'CALCIUM ION' 'Ca 2'
#
# COMPACT_ATOMS: atom_id res chain seq x y z
N MET A 1 1.55 -30.22 0.93
CA MET A 1 0.87 -29.37 1.98
C MET A 1 -0.20 -28.45 1.41
N LEU A 2 -0.68 -27.52 2.24
CA LEU A 2 -1.70 -26.58 1.80
C LEU A 2 -1.02 -25.31 1.32
N LEU A 3 -0.82 -25.21 0.01
CA LEU A 3 -0.15 -24.03 -0.56
C LEU A 3 -1.08 -22.82 -0.77
N GLU A 4 -2.38 -23.07 -0.92
CA GLU A 4 -3.29 -21.95 -1.10
C GLU A 4 -3.52 -21.24 0.21
N ALA A 5 -2.71 -21.57 1.21
CA ALA A 5 -2.87 -20.92 2.50
C ALA A 5 -1.61 -20.14 2.83
N ILE A 6 -0.50 -20.52 2.21
CA ILE A 6 0.78 -19.84 2.39
C ILE A 6 0.67 -18.46 1.75
N PHE A 7 1.19 -17.44 2.43
CA PHE A 7 1.13 -16.07 1.89
C PHE A 7 2.31 -15.19 2.17
N HIS A 8 2.62 -14.32 1.22
CA HIS A 8 3.69 -13.35 1.39
C HIS A 8 3.63 -12.36 0.26
N GLU A 9 4.11 -11.15 0.52
CA GLU A 9 4.11 -10.11 -0.48
C GLU A 9 5.30 -9.19 -0.25
N ALA A 10 6.11 -9.01 -1.29
CA ALA A 10 7.31 -8.17 -1.18
C ALA A 10 6.99 -6.70 -0.90
N LYS A 11 6.18 -6.46 0.13
CA LYS A 11 5.80 -5.12 0.54
C LYS A 11 4.91 -5.15 1.79
N GLY A 12 4.47 -3.97 2.21
CA GLY A 12 3.59 -3.86 3.37
C GLY A 12 4.09 -4.43 4.68
N SER A 13 3.22 -5.15 5.38
CA SER A 13 3.56 -5.75 6.65
C SER A 13 4.27 -7.10 6.53
N TYR A 14 4.61 -7.49 5.31
CA TYR A 14 5.28 -8.76 5.10
C TYR A 14 6.69 -8.64 4.59
N ALA A 15 7.03 -7.45 4.09
CA ALA A 15 8.37 -7.17 3.61
C ALA A 15 8.67 -5.69 3.80
N TYR A 16 9.62 -5.39 4.69
CA TYR A 16 10.01 -4.02 4.98
C TYR A 16 11.40 -3.90 5.60
N PRO A 17 12.10 -2.79 5.31
CA PRO A 17 13.44 -2.62 5.88
C PRO A 17 13.40 -2.15 7.32
N ILE A 18 14.44 -2.49 8.07
CA ILE A 18 14.54 -2.06 9.45
C ILE A 18 15.74 -1.14 9.50
N SER A 19 16.62 -1.31 8.52
CA SER A 19 17.81 -0.50 8.41
C SER A 19 17.99 -0.29 6.92
N GLU A 20 18.87 0.63 6.55
CA GLU A 20 19.08 0.87 5.14
C GLU A 20 19.55 -0.37 4.43
N THR A 21 20.21 -1.24 5.17
CA THR A 21 20.75 -2.46 4.56
C THR A 21 20.12 -3.76 5.07
N GLN A 22 18.98 -3.66 5.76
CA GLN A 22 18.35 -4.87 6.29
C GLN A 22 16.84 -4.99 6.03
N LEU A 23 16.46 -6.06 5.34
CA LEU A 23 15.06 -6.30 5.01
C LEU A 23 14.43 -7.37 5.87
N ARG A 24 13.23 -7.06 6.34
CA ARG A 24 12.44 -7.92 7.18
C ARG A 24 11.39 -8.58 6.28
N VAL A 25 11.34 -9.90 6.25
CA VAL A 25 10.37 -10.59 5.42
C VAL A 25 9.54 -11.48 6.33
N ARG A 26 8.24 -11.56 6.08
CA ARG A 26 7.40 -12.41 6.90
C ARG A 26 6.60 -13.32 5.97
N LEU A 27 6.21 -14.49 6.46
CA LEU A 27 5.43 -15.43 5.69
C LEU A 27 4.33 -15.99 6.58
N ARG A 28 3.15 -16.12 5.99
CA ARG A 28 1.98 -16.63 6.67
C ARG A 28 1.66 -18.00 6.04
N ALA A 29 1.14 -18.92 6.86
CA ALA A 29 0.78 -20.25 6.41
C ALA A 29 -0.13 -20.89 7.43
N LYS A 30 -0.89 -21.90 7.02
CA LYS A 30 -1.80 -22.57 7.93
C LYS A 30 -1.04 -23.12 9.14
N LYS A 31 -1.67 -23.03 10.30
CA LYS A 31 -1.05 -23.51 11.55
C LYS A 31 -0.74 -25.00 11.47
N GLY A 32 0.51 -25.34 11.81
CA GLY A 32 0.98 -26.73 11.82
C GLY A 32 1.24 -27.31 10.46
N ASP A 33 0.70 -26.65 9.44
CA ASP A 33 0.85 -27.11 8.09
C ASP A 33 2.27 -26.96 7.56
N VAL A 34 3.10 -26.25 8.31
CA VAL A 34 4.50 -26.06 7.94
C VAL A 34 5.36 -26.23 9.20
N VAL A 35 6.61 -26.63 9.01
CA VAL A 35 7.52 -26.84 10.12
C VAL A 35 8.87 -26.16 9.95
N ARG A 36 9.30 -25.98 8.71
CA ARG A 36 10.58 -25.32 8.47
C ARG A 36 10.49 -24.40 7.25
N CYS A 37 10.77 -23.13 7.48
CA CYS A 37 10.69 -22.10 6.44
C CYS A 37 12.02 -21.37 6.33
N GLU A 38 12.72 -21.57 5.23
CA GLU A 38 14.02 -20.91 5.04
C GLU A 38 13.97 -19.94 3.86
N VAL A 39 14.80 -18.91 3.90
CA VAL A 39 14.84 -17.91 2.84
C VAL A 39 16.16 -17.89 2.10
N LEU A 40 16.09 -18.11 0.79
CA LEU A 40 17.27 -18.10 -0.07
C LEU A 40 17.26 -16.78 -0.83
N TYR A 41 18.22 -15.91 -0.54
CA TYR A 41 18.24 -14.62 -1.19
C TYR A 41 19.62 -14.22 -1.72
N ALA A 42 19.62 -13.19 -2.55
CA ALA A 42 20.84 -12.66 -3.15
C ALA A 42 20.49 -11.35 -3.85
N ASP A 43 21.49 -10.51 -4.08
CA ASP A 43 21.31 -9.22 -4.74
C ASP A 43 20.57 -9.44 -6.05
N ARG A 44 19.61 -8.57 -6.33
CA ARG A 44 18.81 -8.70 -7.54
C ARG A 44 19.58 -8.81 -8.85
N TYR A 45 20.70 -8.10 -8.99
CA TYR A 45 21.46 -8.19 -10.23
C TYR A 45 22.53 -9.26 -10.21
N ALA A 46 22.46 -10.17 -9.24
CA ALA A 46 23.46 -11.23 -9.14
C ALA A 46 23.25 -12.35 -10.16
N SER A 47 24.34 -13.01 -10.54
CA SER A 47 24.25 -14.10 -11.51
C SER A 47 23.42 -15.26 -10.99
N PRO A 48 22.55 -15.80 -11.86
CA PRO A 48 21.71 -16.92 -11.44
C PRO A 48 22.51 -18.14 -11.03
N GLU A 49 23.74 -18.22 -11.55
CA GLU A 49 24.65 -19.34 -11.26
C GLU A 49 25.14 -19.34 -9.81
N GLU A 50 25.45 -18.15 -9.31
CA GLU A 50 25.95 -17.96 -7.96
C GLU A 50 25.12 -18.66 -6.90
N GLU A 51 25.71 -18.82 -5.71
CA GLU A 51 25.03 -19.44 -4.59
C GLU A 51 24.27 -18.41 -3.80
N LEU A 52 23.03 -18.74 -3.49
CA LEU A 52 22.19 -17.83 -2.74
C LEU A 52 22.53 -17.85 -1.24
N ALA A 53 22.21 -16.77 -0.54
CA ALA A 53 22.48 -16.69 0.88
C ALA A 53 21.26 -17.23 1.61
N HIS A 54 21.51 -18.07 2.61
CA HIS A 54 20.44 -18.69 3.40
C HIS A 54 20.05 -17.77 4.56
N ALA A 55 18.82 -17.95 5.07
CA ALA A 55 18.28 -17.19 6.19
C ALA A 55 17.16 -17.99 6.84
N LEU A 56 17.24 -18.18 8.14
CA LEU A 56 16.24 -18.96 8.86
C LEU A 56 15.15 -18.09 9.50
N ALA A 57 13.89 -18.38 9.17
CA ALA A 57 12.77 -17.62 9.68
C ALA A 57 12.11 -18.35 10.81
N GLY A 58 12.36 -17.93 12.05
CA GLY A 58 11.75 -18.62 13.18
C GLY A 58 10.24 -18.39 13.25
N LYS A 59 9.53 -19.25 13.95
CA LYS A 59 8.09 -19.06 14.07
C LYS A 59 7.90 -17.90 15.04
N ALA A 60 7.59 -16.72 14.50
CA ALA A 60 7.43 -15.52 15.31
C ALA A 60 6.24 -15.60 16.26
N GLY A 61 5.29 -16.48 15.95
CA GLY A 61 4.11 -16.66 16.77
C GLY A 61 2.98 -17.14 15.88
N SER A 62 1.93 -17.69 16.47
CA SER A 62 0.80 -18.18 15.69
C SER A 62 -0.49 -17.70 16.31
N ASP A 63 -1.56 -17.70 15.52
CA ASP A 63 -2.86 -17.27 15.98
C ASP A 63 -3.90 -18.37 15.82
N GLU A 64 -5.17 -18.00 15.83
CA GLU A 64 -6.26 -18.96 15.69
C GLU A 64 -6.10 -19.85 14.45
N ARG A 65 -5.75 -19.27 13.31
CA ARG A 65 -5.61 -20.06 12.09
C ARG A 65 -4.26 -20.11 11.39
N PHE A 66 -3.40 -19.15 11.68
CA PHE A 66 -2.12 -19.11 11.01
C PHE A 66 -0.87 -19.19 11.86
N ASP A 67 0.21 -19.55 11.19
CA ASP A 67 1.50 -19.62 11.81
C ASP A 67 2.22 -18.48 11.09
N TYR A 68 3.13 -17.82 11.79
CA TYR A 68 3.87 -16.73 11.18
C TYR A 68 5.36 -16.97 11.30
N PHE A 69 6.04 -16.90 10.15
CA PHE A 69 7.48 -17.11 10.14
C PHE A 69 8.16 -15.83 9.77
N GLU A 70 9.20 -15.50 10.52
CA GLU A 70 9.92 -14.25 10.30
C GLU A 70 11.44 -14.43 10.24
N ALA A 71 12.03 -13.84 9.20
CA ALA A 71 13.47 -13.90 8.99
C ALA A 71 14.08 -12.50 8.99
N LEU A 72 15.23 -12.35 8.34
CA LEU A 72 15.89 -11.06 8.31
C LEU A 72 16.96 -11.10 7.27
N LEU A 73 16.64 -10.54 6.10
CA LEU A 73 17.56 -10.50 4.97
C LEU A 73 18.65 -9.41 5.10
N GLU A 74 19.90 -9.86 5.18
CA GLU A 74 21.05 -8.97 5.26
C GLU A 74 21.44 -8.61 3.82
N CYS A 75 21.19 -7.34 3.46
CA CYS A 75 21.45 -6.82 2.11
C CYS A 75 22.44 -5.68 2.05
N SER A 76 23.51 -5.86 1.29
CA SER A 76 24.54 -4.85 1.15
C SER A 76 24.30 -3.97 -0.07
N THR A 77 23.77 -4.58 -1.13
CA THR A 77 23.46 -3.90 -2.37
C THR A 77 22.22 -3.03 -2.20
N LYS A 78 21.53 -3.22 -1.08
CA LYS A 78 20.32 -2.48 -0.76
C LYS A 78 19.17 -2.93 -1.64
N ARG A 79 19.45 -3.91 -2.49
CA ARG A 79 18.46 -4.47 -3.38
C ARG A 79 18.58 -5.98 -3.28
N VAL A 80 17.45 -6.68 -3.25
CA VAL A 80 17.51 -8.13 -3.09
C VAL A 80 16.34 -8.95 -3.60
N LYS A 81 16.63 -10.11 -4.17
CA LYS A 81 15.59 -11.03 -4.65
C LYS A 81 15.63 -12.19 -3.66
N TYR A 82 14.51 -12.88 -3.47
CA TYR A 82 14.49 -13.97 -2.50
C TYR A 82 13.37 -14.98 -2.74
N VAL A 83 13.65 -16.24 -2.48
CA VAL A 83 12.66 -17.29 -2.66
C VAL A 83 12.59 -18.08 -1.37
N PHE A 84 11.41 -18.58 -1.05
CA PHE A 84 11.23 -19.37 0.17
C PHE A 84 11.41 -20.85 -0.10
N LEU A 85 11.74 -21.56 0.98
CA LEU A 85 11.91 -23.01 0.97
C LEU A 85 11.14 -23.45 2.17
N LEU A 86 9.96 -24.02 1.93
CA LEU A 86 9.09 -24.46 3.00
C LEU A 86 9.04 -25.97 3.20
N THR A 87 9.54 -26.44 4.33
CA THR A 87 9.57 -27.85 4.67
C THR A 87 8.38 -28.13 5.60
N GLY A 88 7.60 -29.18 5.30
CA GLY A 88 6.42 -29.52 6.11
C GLY A 88 6.60 -30.60 7.18
N PRO A 89 5.49 -31.14 7.73
CA PRO A 89 5.49 -32.19 8.78
C PRO A 89 6.17 -33.48 8.34
N GLN A 90 5.61 -34.10 7.29
CA GLN A 90 6.13 -35.35 6.76
C GLN A 90 7.56 -35.18 6.23
N GLY A 91 7.96 -33.94 6.00
CA GLY A 91 9.29 -33.68 5.50
C GLY A 91 9.33 -33.31 4.02
N GLU A 92 8.16 -32.99 3.45
CA GLU A 92 8.09 -32.62 2.05
C GLU A 92 8.55 -31.19 1.85
N ALA A 93 9.18 -30.92 0.70
CA ALA A 93 9.68 -29.58 0.39
C ALA A 93 9.02 -28.93 -0.82
N VAL A 94 9.04 -27.60 -0.85
CA VAL A 94 8.45 -26.81 -1.93
C VAL A 94 9.05 -25.41 -1.94
N TYR A 95 9.20 -24.83 -3.14
CA TYR A 95 9.73 -23.48 -3.26
C TYR A 95 8.61 -22.47 -3.50
N PHE A 96 8.64 -21.35 -2.78
CA PHE A 96 7.62 -20.33 -2.95
C PHE A 96 8.24 -19.08 -3.53
N GLY A 97 7.77 -18.67 -4.71
CA GLY A 97 8.28 -17.49 -5.40
C GLY A 97 7.19 -16.59 -5.96
N GLU A 98 7.58 -15.48 -6.58
CA GLU A 98 6.62 -14.52 -7.16
C GLU A 98 5.82 -15.25 -8.22
N THR A 99 6.49 -16.17 -8.91
CA THR A 99 5.91 -16.97 -9.98
C THR A 99 4.85 -17.94 -9.46
N GLY A 100 5.16 -18.57 -8.34
CA GLY A 100 4.24 -19.52 -7.74
C GLY A 100 5.00 -20.61 -7.01
N PHE A 101 4.31 -21.73 -6.73
CA PHE A 101 4.93 -22.84 -6.02
C PHE A 101 5.38 -23.95 -6.97
N SER A 102 6.56 -24.50 -6.69
CA SER A 102 7.09 -25.61 -7.47
C SER A 102 8.22 -26.30 -6.73
N ALA A 103 8.40 -27.58 -7.02
CA ALA A 103 9.46 -28.33 -6.36
C ALA A 103 10.80 -27.78 -6.84
N GLU A 104 10.91 -27.44 -8.12
CA GLU A 104 12.14 -26.88 -8.66
C GLU A 104 12.29 -25.42 -8.24
N ARG A 105 13.52 -24.98 -8.00
CA ARG A 105 13.75 -23.59 -7.57
C ARG A 105 13.45 -22.60 -8.67
N SER A 106 13.78 -22.99 -9.90
CA SER A 106 13.60 -22.17 -11.08
C SER A 106 12.14 -21.80 -11.32
N LYS A 107 11.32 -22.81 -11.63
CA LYS A 107 9.90 -22.58 -11.88
C LYS A 107 9.18 -21.98 -10.67
N ALA A 108 9.91 -21.71 -9.59
CA ALA A 108 9.31 -21.12 -8.38
C ALA A 108 9.26 -19.62 -8.50
N GLY A 109 10.28 -19.08 -9.16
CA GLY A 109 10.37 -17.67 -9.32
C GLY A 109 11.16 -17.12 -8.16
N VAL A 110 10.96 -15.82 -7.92
CA VAL A 110 11.67 -15.12 -6.86
C VAL A 110 11.09 -13.70 -6.58
N PHE A 111 10.75 -13.46 -5.31
CA PHE A 111 10.22 -12.17 -4.92
C PHE A 111 11.38 -11.21 -5.00
N GLN A 112 11.05 -9.92 -5.07
CA GLN A 112 12.06 -8.89 -5.19
C GLN A 112 11.75 -7.64 -4.41
N TYR A 113 12.76 -7.08 -3.75
CA TYR A 113 12.56 -5.82 -3.05
C TYR A 113 13.37 -4.82 -3.85
N ALA A 114 12.68 -4.06 -4.68
CA ALA A 114 13.26 -3.04 -5.55
C ALA A 114 14.53 -2.39 -5.00
N TYR A 115 14.35 -1.57 -3.98
CA TYR A 115 15.44 -0.84 -3.38
C TYR A 115 15.15 -0.33 -1.96
N ILE A 116 16.16 -0.19 -1.14
CA ILE A 116 15.95 0.29 0.22
C ILE A 116 16.48 1.70 0.36
N HIS A 117 15.60 2.69 0.23
CA HIS A 117 16.01 4.09 0.38
C HIS A 117 15.82 4.46 1.82
N ARG A 118 16.86 4.99 2.43
CA ARG A 118 16.79 5.38 3.82
C ARG A 118 15.55 6.19 4.16
N SER A 119 15.08 7.03 3.24
CA SER A 119 13.89 7.86 3.50
C SER A 119 12.59 7.07 3.64
N GLU A 120 12.61 5.81 3.24
CA GLU A 120 11.44 4.98 3.34
C GLU A 120 11.59 3.95 4.47
N VAL A 121 12.39 4.30 5.47
CA VAL A 121 12.58 3.41 6.60
C VAL A 121 11.74 3.93 7.75
N PHE A 122 10.79 3.13 8.22
CA PHE A 122 9.89 3.54 9.30
C PHE A 122 10.67 3.92 10.56
N THR A 123 10.65 5.22 10.86
CA THR A 123 11.39 5.80 11.97
C THR A 123 10.52 6.63 12.87
N THR A 124 10.52 6.32 14.15
CA THR A 124 9.69 7.06 15.07
C THR A 124 10.51 7.62 16.21
N PRO A 125 9.99 8.65 16.91
CA PRO A 125 10.66 9.31 18.02
C PRO A 125 11.18 8.32 19.04
N GLU A 126 12.49 8.31 19.23
CA GLU A 126 13.08 7.39 20.19
C GLU A 126 12.37 7.39 21.56
N TRP A 127 12.10 8.57 22.12
CA TRP A 127 11.43 8.64 23.41
C TRP A 127 10.07 7.96 23.38
N ALA A 128 9.39 8.10 22.25
CA ALA A 128 8.08 7.49 22.10
C ALA A 128 8.17 5.99 22.34
N LYS A 129 9.29 5.39 21.93
CA LYS A 129 9.52 3.96 22.10
C LYS A 129 9.28 3.50 23.52
N GLU A 130 9.88 4.22 24.47
CA GLU A 130 9.76 3.91 25.89
C GLU A 130 9.02 5.01 26.64
N ALA A 131 7.72 5.17 26.41
CA ALA A 131 6.99 6.24 27.11
C ALA A 131 5.63 5.85 27.65
N VAL A 132 5.12 6.66 28.56
CA VAL A 132 3.81 6.37 29.10
C VAL A 132 2.91 7.60 28.99
N ILE A 133 1.92 7.47 28.13
CA ILE A 133 1.00 8.53 27.89
C ILE A 133 -0.10 8.51 28.93
N TYR A 134 -0.64 9.69 29.21
CA TYR A 134 -1.70 9.90 30.19
C TYR A 134 -2.74 10.85 29.58
N GLN A 135 -3.92 10.29 29.26
CA GLN A 135 -5.02 11.04 28.67
C GLN A 135 -5.70 12.02 29.62
N ILE A 136 -5.69 13.29 29.27
CA ILE A 136 -6.32 14.27 30.13
C ILE A 136 -7.62 14.78 29.52
N PHE A 137 -8.72 14.56 30.24
CA PHE A 137 -10.03 15.05 29.84
C PHE A 137 -10.06 16.30 30.68
N PRO A 138 -9.60 17.41 30.10
CA PRO A 138 -9.51 18.73 30.74
C PRO A 138 -10.68 19.14 31.64
N GLU A 139 -11.90 19.08 31.11
CA GLU A 139 -13.11 19.45 31.82
C GLU A 139 -13.22 18.85 33.23
N ARG A 140 -12.73 17.63 33.39
CA ARG A 140 -12.83 16.96 34.68
C ARG A 140 -11.56 16.52 35.41
N PHE A 141 -10.41 17.05 35.02
CA PHE A 141 -9.15 16.68 35.67
C PHE A 141 -8.92 17.42 36.98
N ALA A 142 -8.74 18.72 36.88
CA ALA A 142 -8.54 19.56 38.07
C ALA A 142 -8.91 20.99 37.71
N ASN A 143 -9.69 21.63 38.59
CA ASN A 143 -10.12 23.01 38.39
C ASN A 143 -9.16 23.96 39.09
N GLY A 144 -8.18 24.48 38.35
CA GLY A 144 -7.21 25.37 38.97
C GLY A 144 -7.50 26.85 38.92
N ASP A 145 -8.34 27.24 37.97
CA ASP A 145 -8.75 28.63 37.75
C ASP A 145 -10.28 28.70 37.68
N PRO A 146 -10.94 29.12 38.79
CA PRO A 146 -12.39 29.26 38.90
C PRO A 146 -12.96 30.34 37.99
N SER A 147 -12.19 31.42 37.85
CA SER A 147 -12.58 32.57 37.06
C SER A 147 -12.95 32.20 35.63
N ASN A 148 -12.49 31.06 35.13
CA ASN A 148 -12.83 30.68 33.77
C ASN A 148 -13.89 29.58 33.71
N ASP A 149 -14.56 29.31 34.83
CA ASP A 149 -15.60 28.28 34.85
C ASP A 149 -16.85 28.72 34.09
N PRO A 150 -17.43 27.80 33.30
CA PRO A 150 -18.63 28.15 32.55
C PRO A 150 -19.82 28.27 33.49
N PRO A 151 -20.83 29.04 33.06
CA PRO A 151 -22.00 29.19 33.94
C PRO A 151 -22.50 27.83 34.38
N GLY A 152 -23.24 27.83 35.48
CA GLY A 152 -23.81 26.59 35.99
C GLY A 152 -22.87 25.41 36.16
N THR A 153 -21.80 25.58 36.94
CA THR A 153 -20.84 24.52 37.15
C THR A 153 -21.13 23.75 38.44
N GLU A 154 -21.52 22.48 38.31
CA GLU A 154 -21.82 21.70 39.48
C GLU A 154 -20.60 21.51 40.39
N GLN A 155 -20.83 21.59 41.70
CA GLN A 155 -19.77 21.45 42.70
C GLN A 155 -18.91 20.23 42.39
N TRP A 156 -17.65 20.27 42.81
CA TRP A 156 -16.68 19.18 42.55
C TRP A 156 -16.64 18.20 43.71
N ALA A 157 -17.43 17.14 43.61
CA ALA A 157 -17.49 16.14 44.67
C ALA A 157 -17.25 14.72 44.18
N LYS A 158 -16.85 13.85 45.09
CA LYS A 158 -16.58 12.46 44.75
C LYS A 158 -17.83 11.69 44.36
N ASP A 159 -18.93 11.99 45.03
CA ASP A 159 -20.19 11.30 44.77
C ASP A 159 -21.00 11.98 43.68
N ALA A 160 -20.31 12.67 42.78
CA ALA A 160 -21.01 13.35 41.70
C ALA A 160 -21.17 12.36 40.55
N ARG A 161 -22.31 12.47 39.87
CA ARG A 161 -22.63 11.61 38.73
C ARG A 161 -23.02 12.47 37.53
N PRO A 162 -22.06 12.76 36.66
CA PRO A 162 -22.05 13.54 35.42
C PRO A 162 -23.18 13.29 34.41
N ARG A 163 -23.61 14.36 33.76
CA ARG A 163 -24.63 14.27 32.72
C ARG A 163 -24.12 14.92 31.43
N HIS A 164 -24.61 14.45 30.29
CA HIS A 164 -24.16 14.98 28.98
C HIS A 164 -23.96 16.49 28.97
N ASP A 165 -24.71 17.22 29.80
CA ASP A 165 -24.59 18.68 29.83
C ASP A 165 -23.92 19.23 31.09
N SER A 166 -23.32 18.34 31.89
CA SER A 166 -22.65 18.75 33.12
C SER A 166 -21.32 19.46 32.86
N PHE A 167 -20.90 20.22 33.86
CA PHE A 167 -19.67 20.97 33.78
C PHE A 167 -19.04 21.04 35.16
N TYR A 168 -17.72 20.95 35.23
CA TYR A 168 -17.06 21.00 36.52
C TYR A 168 -15.93 21.99 36.65
N GLY A 169 -15.58 22.64 35.54
CA GLY A 169 -14.55 23.65 35.61
C GLY A 169 -13.13 23.27 35.24
N GLY A 170 -12.88 21.99 35.00
CA GLY A 170 -11.55 21.55 34.64
C GLY A 170 -10.90 22.45 33.60
N ASP A 171 -9.64 22.79 33.83
CA ASP A 171 -8.93 23.68 32.93
C ASP A 171 -7.42 23.45 32.96
N LEU A 172 -6.71 24.08 32.03
CA LEU A 172 -5.26 23.92 31.96
C LEU A 172 -4.54 24.26 33.25
N LYS A 173 -4.78 25.46 33.77
CA LYS A 173 -4.15 25.90 35.02
C LYS A 173 -4.08 24.75 35.99
N GLY A 174 -5.22 24.08 36.15
CA GLY A 174 -5.29 22.95 37.06
C GLY A 174 -4.25 21.91 36.72
N VAL A 175 -4.14 21.59 35.44
CA VAL A 175 -3.19 20.58 35.01
C VAL A 175 -1.82 20.89 35.55
N ILE A 176 -1.41 22.15 35.44
CA ILE A 176 -0.11 22.58 35.93
C ILE A 176 0.00 22.34 37.42
N ASP A 177 -0.96 22.87 38.16
CA ASP A 177 -0.96 22.71 39.59
C ASP A 177 -0.89 21.27 40.03
N ARG A 178 -1.11 20.35 39.11
CA ARG A 178 -1.05 18.95 39.47
C ARG A 178 0.13 18.21 38.89
N LEU A 179 0.89 18.88 38.03
CA LEU A 179 2.04 18.22 37.44
C LEU A 179 2.84 17.37 38.43
N PRO A 180 3.08 17.89 39.66
CA PRO A 180 3.83 17.14 40.66
C PRO A 180 3.31 15.74 40.86
N TYR A 181 1.99 15.62 40.80
CA TYR A 181 1.30 14.35 40.94
C TYR A 181 1.63 13.48 39.72
N LEU A 182 1.33 14.04 38.55
CA LEU A 182 1.56 13.38 37.28
C LEU A 182 3.03 12.95 37.18
N GLU A 183 3.93 13.79 37.67
CA GLU A 183 5.34 13.45 37.66
C GLU A 183 5.57 12.27 38.58
N GLU A 184 5.20 12.43 39.85
CA GLU A 184 5.35 11.36 40.83
C GLU A 184 4.99 10.03 40.22
N LEU A 185 3.84 9.98 39.56
CA LEU A 185 3.36 8.75 38.93
C LEU A 185 4.36 8.23 37.89
N GLY A 186 4.95 9.14 37.13
CA GLY A 186 5.92 8.69 36.15
C GLY A 186 5.51 8.83 34.70
N VAL A 187 4.36 9.42 34.43
CA VAL A 187 3.96 9.58 33.06
C VAL A 187 4.96 10.50 32.37
N THR A 188 5.33 10.17 31.14
CA THR A 188 6.28 10.96 30.38
C THR A 188 5.60 11.83 29.31
N ALA A 189 4.28 11.70 29.16
CA ALA A 189 3.50 12.48 28.16
C ALA A 189 2.00 12.62 28.49
N LEU A 190 1.41 13.77 28.15
CA LEU A 190 0.00 13.97 28.41
C LEU A 190 -0.75 14.11 27.10
N TYR A 191 -1.86 13.40 27.00
CA TYR A 191 -2.71 13.43 25.82
C TYR A 191 -3.93 14.27 26.16
N PHE A 192 -4.07 15.38 25.46
CA PHE A 192 -5.18 16.29 25.71
C PHE A 192 -6.27 16.17 24.67
N THR A 193 -7.48 15.84 25.08
CA THR A 193 -8.55 15.78 24.08
C THR A 193 -8.68 17.20 23.56
N PRO A 194 -9.61 17.43 22.62
CA PRO A 194 -9.74 18.79 22.10
C PRO A 194 -9.84 19.89 23.14
N ILE A 195 -8.96 20.88 23.02
CA ILE A 195 -8.93 22.00 23.94
C ILE A 195 -8.94 23.31 23.16
N PHE A 196 -9.36 23.27 21.92
CA PHE A 196 -9.39 24.47 21.13
C PHE A 196 -10.72 25.18 21.33
N ALA A 197 -10.77 26.44 20.90
CA ALA A 197 -11.95 27.27 21.02
C ALA A 197 -13.17 26.63 20.36
N SER A 198 -14.22 26.46 21.15
CA SER A 198 -15.45 25.84 20.67
C SER A 198 -16.63 26.20 21.60
N PRO A 199 -17.83 26.28 21.05
CA PRO A 199 -19.06 26.61 21.79
C PRO A 199 -19.73 25.43 22.44
N SER A 200 -19.48 24.23 21.93
CA SER A 200 -20.12 23.07 22.50
C SER A 200 -19.40 22.62 23.74
N HIS A 201 -19.95 21.61 24.39
CA HIS A 201 -19.36 21.07 25.59
C HIS A 201 -18.32 20.02 25.22
N HIS A 202 -18.50 19.38 24.07
CA HIS A 202 -17.56 18.35 23.61
C HIS A 202 -16.34 18.98 22.93
N LYS A 203 -16.51 20.21 22.46
CA LYS A 203 -15.43 20.94 21.78
C LYS A 203 -14.86 20.23 20.54
N TYR A 204 -15.64 19.35 19.92
CA TYR A 204 -15.20 18.63 18.73
C TYR A 204 -15.56 19.36 17.45
N ASP A 205 -16.36 20.41 17.59
CA ASP A 205 -16.77 21.27 16.47
C ASP A 205 -15.93 22.56 16.50
N THR A 206 -14.62 22.45 16.28
CA THR A 206 -13.72 23.61 16.34
C THR A 206 -14.24 24.94 15.81
N ALA A 207 -13.97 26.01 16.55
CA ALA A 207 -14.39 27.35 16.19
C ALA A 207 -13.17 28.20 15.87
N ASP A 208 -12.10 28.07 16.65
CA ASP A 208 -10.87 28.81 16.38
C ASP A 208 -9.63 27.92 16.57
N TYR A 209 -9.05 27.39 15.50
CA TYR A 209 -7.89 26.50 15.70
C TYR A 209 -6.67 27.22 16.18
N LEU A 210 -6.74 28.54 16.29
CA LEU A 210 -5.56 29.26 16.75
C LEU A 210 -5.73 29.88 18.14
N ALA A 211 -6.65 29.32 18.93
CA ALA A 211 -6.91 29.83 20.27
C ALA A 211 -7.42 28.76 21.24
N ILE A 212 -6.84 28.70 22.45
CA ILE A 212 -7.28 27.73 23.46
C ILE A 212 -8.64 28.15 23.98
N ASP A 213 -9.59 27.23 24.01
CA ASP A 213 -10.92 27.61 24.49
C ASP A 213 -10.84 28.31 25.84
N PRO A 214 -11.64 29.38 26.01
CA PRO A 214 -11.69 30.19 27.24
C PRO A 214 -11.81 29.43 28.55
N GLN A 215 -12.81 28.58 28.68
CA GLN A 215 -12.99 27.87 29.92
C GLN A 215 -11.74 27.12 30.31
N PHE A 216 -10.90 26.80 29.34
CA PHE A 216 -9.67 26.06 29.64
C PHE A 216 -8.43 26.93 29.90
N GLY A 217 -8.26 27.99 29.12
CA GLY A 217 -7.11 28.85 29.31
C GLY A 217 -6.77 29.76 28.11
N ASP A 218 -5.50 30.05 27.92
CA ASP A 218 -5.08 30.90 26.83
C ASP A 218 -3.66 30.55 26.43
N LEU A 219 -3.16 31.16 25.36
CA LEU A 219 -1.82 30.89 24.90
C LEU A 219 -0.79 30.96 26.03
N PRO A 220 -0.84 32.03 26.84
CA PRO A 220 0.09 32.21 27.95
C PRO A 220 0.10 31.01 28.88
N THR A 221 -1.10 30.61 29.29
CA THR A 221 -1.25 29.49 30.19
C THR A 221 -0.79 28.18 29.52
N PHE A 222 -1.08 28.02 28.23
CA PHE A 222 -0.67 26.80 27.56
C PHE A 222 0.85 26.73 27.51
N ARG A 223 1.49 27.81 27.08
CA ARG A 223 2.94 27.86 27.01
C ARG A 223 3.52 27.46 28.36
N ARG A 224 2.95 28.02 29.42
CA ARG A 224 3.38 27.73 30.78
C ARG A 224 3.29 26.21 31.03
N LEU A 225 2.10 25.63 30.85
CA LEU A 225 1.88 24.19 31.04
C LEU A 225 2.98 23.43 30.32
N VAL A 226 3.10 23.71 29.03
CA VAL A 226 4.09 23.05 28.21
C VAL A 226 5.44 23.05 28.86
N ASP A 227 5.88 24.23 29.29
CA ASP A 227 7.20 24.37 29.93
C ASP A 227 7.25 23.68 31.27
N GLU A 228 6.28 23.97 32.13
CA GLU A 228 6.25 23.35 33.43
C GLU A 228 6.21 21.85 33.26
N ALA A 229 5.63 21.40 32.16
CA ALA A 229 5.50 19.96 31.87
C ALA A 229 6.82 19.43 31.37
N HIS A 230 7.35 20.14 30.38
CA HIS A 230 8.60 19.81 29.76
C HIS A 230 9.72 19.67 30.77
N ARG A 231 9.84 20.61 31.71
CA ARG A 231 10.90 20.54 32.70
C ARG A 231 10.68 19.40 33.66
N ARG A 232 9.46 18.92 33.75
CA ARG A 232 9.22 17.82 34.67
C ARG A 232 9.21 16.48 33.94
N GLY A 233 9.80 16.45 32.74
CA GLY A 233 9.88 15.23 31.94
C GLY A 233 8.59 14.67 31.37
N ILE A 234 7.67 15.58 31.06
CA ILE A 234 6.37 15.24 30.51
C ILE A 234 6.14 16.00 29.20
N LYS A 235 5.69 15.27 28.19
CA LYS A 235 5.43 15.82 26.87
C LYS A 235 3.95 16.13 26.67
N ILE A 236 3.64 17.02 25.73
CA ILE A 236 2.27 17.39 25.48
C ILE A 236 1.81 16.86 24.13
N ILE A 237 0.58 16.40 24.09
CA ILE A 237 0.00 15.91 22.85
C ILE A 237 -1.36 16.54 22.70
N LEU A 238 -1.56 17.23 21.58
CA LEU A 238 -2.82 17.87 21.31
C LEU A 238 -3.66 17.13 20.28
N ASP A 239 -4.97 17.07 20.52
CA ASP A 239 -5.92 16.41 19.64
C ASP A 239 -6.26 17.31 18.46
N ALA A 240 -5.97 16.85 17.25
CA ALA A 240 -6.28 17.67 16.09
C ALA A 240 -7.45 17.07 15.38
N VAL A 241 -8.42 17.92 15.10
CA VAL A 241 -9.59 17.46 14.38
C VAL A 241 -9.56 18.21 13.07
N PHE A 242 -8.90 17.60 12.09
CA PHE A 242 -8.77 18.20 10.76
C PHE A 242 -9.84 17.72 9.81
N ASN A 243 -10.56 16.66 10.16
CA ASN A 243 -11.60 16.15 9.29
C ASN A 243 -12.73 17.15 9.06
N HIS A 244 -13.39 17.49 10.15
CA HIS A 244 -14.53 18.40 10.16
C HIS A 244 -14.26 19.60 11.00
N ALA A 245 -15.03 20.64 10.77
CA ALA A 245 -14.86 21.86 11.53
C ALA A 245 -16.14 22.13 12.31
N GLY A 246 -16.17 23.26 13.01
CA GLY A 246 -17.33 23.64 13.77
C GLY A 246 -18.18 24.63 12.99
N ASP A 247 -19.50 24.57 13.18
CA ASP A 247 -20.41 25.45 12.46
C ASP A 247 -20.27 26.89 12.90
N GLN A 248 -19.07 27.24 13.35
CA GLN A 248 -18.76 28.59 13.84
C GLN A 248 -17.42 29.04 13.31
N PHE A 249 -16.72 28.10 12.67
CA PHE A 249 -15.41 28.36 12.09
C PHE A 249 -15.48 29.56 11.16
N PHE A 250 -14.58 30.50 11.37
CA PHE A 250 -14.59 31.68 10.56
C PHE A 250 -14.88 31.38 9.08
N ALA A 251 -14.21 30.40 8.53
CA ALA A 251 -14.39 30.06 7.12
C ALA A 251 -15.79 29.58 6.83
N PHE A 252 -16.39 28.87 7.77
CA PHE A 252 -17.73 28.39 7.49
C PHE A 252 -18.79 29.43 7.77
N ARG A 253 -18.50 30.30 8.72
CA ARG A 253 -19.44 31.36 9.07
C ARG A 253 -19.65 32.30 7.87
N ASP A 254 -18.63 32.48 7.06
CA ASP A 254 -18.74 33.36 5.91
C ASP A 254 -19.64 32.71 4.87
N VAL A 255 -19.42 31.44 4.62
CA VAL A 255 -20.23 30.73 3.65
C VAL A 255 -21.70 30.92 4.04
N LEU A 256 -22.01 30.76 5.32
CA LEU A 256 -23.37 30.92 5.82
C LEU A 256 -23.91 32.34 5.58
N GLN A 257 -23.00 33.25 5.23
CA GLN A 257 -23.36 34.64 4.98
C GLN A 257 -23.31 34.98 3.50
N LYS A 258 -22.11 35.18 2.96
CA LYS A 258 -21.94 35.54 1.54
C LYS A 258 -22.28 34.42 0.55
N GLY A 259 -22.71 33.27 1.05
CA GLY A 259 -23.03 32.16 0.16
C GLY A 259 -21.94 31.88 -0.88
N GLU A 260 -22.35 31.67 -2.13
CA GLU A 260 -21.43 31.37 -3.24
C GLU A 260 -20.50 32.52 -3.60
N GLN A 261 -20.65 33.63 -2.87
CA GLN A 261 -19.83 34.82 -3.10
C GLN A 261 -18.54 34.83 -2.28
N SER A 262 -18.47 33.94 -1.28
CA SER A 262 -17.29 33.83 -0.39
C SER A 262 -16.21 32.97 -1.03
N ARG A 263 -14.97 33.38 -0.87
CA ARG A 263 -13.82 32.68 -1.41
C ARG A 263 -13.54 31.46 -0.56
N TYR A 264 -14.59 30.99 0.12
CA TYR A 264 -14.46 29.83 1.00
C TYR A 264 -15.53 28.78 0.72
N LYS A 265 -16.20 28.87 -0.43
CA LYS A 265 -17.27 27.92 -0.74
C LYS A 265 -16.77 26.51 -0.99
N ASP A 266 -15.52 26.41 -1.46
CA ASP A 266 -14.94 25.11 -1.75
C ASP A 266 -13.97 24.66 -0.67
N TRP A 267 -14.28 25.04 0.56
CA TRP A 267 -13.49 24.66 1.71
C TRP A 267 -14.26 23.56 2.43
N PHE A 268 -15.52 23.39 2.03
CA PHE A 268 -16.40 22.40 2.63
C PHE A 268 -17.11 21.60 1.56
N PHE A 269 -18.02 20.74 1.96
CA PHE A 269 -18.73 19.91 0.99
C PHE A 269 -20.20 20.31 0.94
N ILE A 270 -20.54 21.16 -0.02
CA ILE A 270 -21.91 21.66 -0.15
C ILE A 270 -22.57 21.26 -1.45
N GLU A 271 -23.89 21.18 -1.44
CA GLU A 271 -24.62 20.82 -2.66
C GLU A 271 -25.72 21.82 -2.99
N ASP A 272 -26.97 21.47 -2.65
CA ASP A 272 -28.08 22.35 -2.92
C ASP A 272 -27.92 23.67 -2.15
N PHE A 273 -27.85 24.78 -2.90
CA PHE A 273 -27.69 26.12 -2.31
C PHE A 273 -29.04 26.84 -2.38
N PRO A 274 -29.27 27.83 -1.48
CA PRO A 274 -28.37 28.37 -0.45
C PRO A 274 -27.99 27.44 0.71
N VAL A 275 -27.08 27.90 1.56
CA VAL A 275 -26.62 27.10 2.70
C VAL A 275 -27.23 27.36 4.08
N SER A 276 -28.33 26.67 4.37
CA SER A 276 -28.92 26.69 5.70
C SER A 276 -30.17 25.81 5.71
N LYS A 277 -30.70 25.55 6.89
CA LYS A 277 -31.91 24.74 7.00
C LYS A 277 -31.95 24.28 8.44
N THR A 278 -33.13 23.89 8.89
CA THR A 278 -33.31 23.32 10.22
C THR A 278 -33.12 21.76 10.28
N SER A 279 -32.07 21.26 10.93
CA SER A 279 -31.94 19.79 11.08
C SER A 279 -31.67 19.04 9.75
N ARG A 280 -31.55 19.83 8.69
CA ARG A 280 -31.33 19.41 7.31
C ARG A 280 -30.15 20.25 6.87
N THR A 281 -29.33 19.71 5.99
CA THR A 281 -28.13 20.41 5.60
C THR A 281 -27.68 19.94 4.24
N ASN A 282 -27.35 20.95 3.46
CA ASN A 282 -26.89 20.83 2.09
C ASN A 282 -25.39 20.70 2.00
N TYR A 283 -24.76 20.56 3.16
CA TYR A 283 -23.32 20.42 3.24
C TYR A 283 -22.98 19.14 3.98
N GLU A 284 -21.87 18.50 3.61
CA GLU A 284 -21.45 17.26 4.27
C GLU A 284 -20.88 17.55 5.64
N THR A 285 -21.17 16.67 6.59
CA THR A 285 -20.72 16.82 7.94
C THR A 285 -20.15 15.54 8.53
N PHE A 286 -19.70 15.65 9.76
CA PHE A 286 -19.16 14.51 10.47
C PHE A 286 -20.31 13.55 10.75
N ALA A 287 -20.08 12.27 10.51
CA ALA A 287 -21.12 11.29 10.76
C ALA A 287 -22.35 11.60 9.92
N VAL A 288 -23.53 11.30 10.47
CA VAL A 288 -24.80 11.52 9.79
C VAL A 288 -25.59 12.74 10.26
N GLN A 289 -25.72 13.73 9.38
CA GLN A 289 -26.45 14.96 9.66
C GLN A 289 -26.08 15.77 10.91
N VAL A 290 -24.80 16.11 11.05
CA VAL A 290 -24.34 16.91 12.18
C VAL A 290 -23.98 18.35 11.76
N PRO A 291 -24.98 19.26 11.72
CA PRO A 291 -24.89 20.67 11.34
C PRO A 291 -23.73 21.45 11.92
N ALA A 292 -23.41 21.17 13.17
CA ALA A 292 -22.32 21.88 13.84
C ALA A 292 -20.96 21.36 13.43
N MET A 293 -20.92 20.45 12.47
CA MET A 293 -19.65 19.90 12.05
C MET A 293 -19.50 19.75 10.54
N PRO A 294 -19.16 20.83 9.84
CA PRO A 294 -18.98 20.75 8.38
C PRO A 294 -17.66 20.11 7.96
N LYS A 295 -17.73 18.97 7.26
CA LYS A 295 -16.53 18.31 6.81
C LYS A 295 -15.66 19.31 6.07
N LEU A 296 -14.38 19.29 6.42
CA LEU A 296 -13.37 20.15 5.83
C LEU A 296 -12.83 19.49 4.57
N ARG A 297 -12.72 20.24 3.49
CA ARG A 297 -12.22 19.69 2.25
C ARG A 297 -10.69 19.70 2.22
N THR A 298 -10.09 18.86 3.07
CA THR A 298 -8.63 18.80 3.17
C THR A 298 -7.91 18.49 1.87
N GLU A 299 -8.66 18.38 0.78
CA GLU A 299 -8.01 18.12 -0.51
C GLU A 299 -7.64 19.44 -1.17
N ASN A 300 -8.47 20.47 -0.95
CA ASN A 300 -8.18 21.80 -1.51
C ASN A 300 -6.92 22.39 -0.84
N PRO A 301 -5.93 22.81 -1.65
CA PRO A 301 -4.68 23.40 -1.19
C PRO A 301 -4.87 24.42 -0.10
N GLU A 302 -5.85 25.28 -0.29
CA GLU A 302 -6.17 26.31 0.67
C GLU A 302 -6.51 25.67 2.00
N VAL A 303 -7.52 24.80 1.99
CA VAL A 303 -7.93 24.08 3.18
C VAL A 303 -6.76 23.32 3.80
N LYS A 304 -5.77 22.97 2.97
CA LYS A 304 -4.61 22.24 3.48
C LYS A 304 -3.69 23.18 4.17
N GLU A 305 -3.33 24.24 3.45
CA GLU A 305 -2.40 25.23 3.96
C GLU A 305 -2.81 25.83 5.30
N TYR A 306 -4.12 25.99 5.50
CA TYR A 306 -4.62 26.54 6.75
C TYR A 306 -4.34 25.57 7.89
N LEU A 307 -4.89 24.37 7.75
CA LEU A 307 -4.68 23.34 8.76
C LEU A 307 -3.17 23.25 9.04
N PHE A 308 -2.37 23.18 7.99
CA PHE A 308 -0.92 23.10 8.17
C PHE A 308 -0.40 24.29 8.97
N ASP A 309 -0.93 25.47 8.70
CA ASP A 309 -0.49 26.65 9.45
C ASP A 309 -0.83 26.42 10.90
N VAL A 310 -2.05 25.95 11.13
CA VAL A 310 -2.49 25.65 12.47
C VAL A 310 -1.47 24.73 13.13
N ALA A 311 -1.00 23.76 12.38
CA ALA A 311 -0.01 22.85 12.93
C ALA A 311 1.21 23.66 13.34
N ARG A 312 1.75 24.44 12.39
CA ARG A 312 2.93 25.26 12.63
C ARG A 312 2.83 26.07 13.92
N PHE A 313 1.74 26.80 14.05
CA PHE A 313 1.54 27.62 15.20
C PHE A 313 1.79 26.83 16.46
N TRP A 314 0.95 25.83 16.70
CA TRP A 314 1.07 25.03 17.90
C TRP A 314 2.41 24.30 17.96
N MET A 315 3.01 24.07 16.81
CA MET A 315 4.29 23.42 16.82
C MET A 315 5.24 24.36 17.50
N GLU A 316 5.13 25.64 17.15
CA GLU A 316 5.99 26.66 17.72
C GLU A 316 5.70 26.78 19.21
N GLN A 317 4.44 26.61 19.60
CA GLN A 317 4.09 26.73 21.01
C GLN A 317 4.88 25.74 21.84
N GLY A 318 5.42 24.71 21.19
CA GLY A 318 6.22 23.72 21.89
C GLY A 318 5.65 22.34 22.15
N ILE A 319 4.52 21.98 21.52
CA ILE A 319 3.96 20.65 21.76
C ILE A 319 4.89 19.52 21.31
N ASP A 320 4.55 18.29 21.67
CA ASP A 320 5.39 17.17 21.33
C ASP A 320 4.80 16.16 20.35
N GLY A 321 3.59 16.41 19.88
CA GLY A 321 2.98 15.49 18.95
C GLY A 321 1.50 15.74 18.74
N TRP A 322 0.95 15.05 17.75
CA TRP A 322 -0.45 15.20 17.41
C TRP A 322 -1.25 13.91 17.51
N ARG A 323 -2.50 14.01 17.99
CA ARG A 323 -3.41 12.86 18.08
C ARG A 323 -4.51 13.18 17.07
N LEU A 324 -4.45 12.53 15.91
CA LEU A 324 -5.40 12.74 14.84
C LEU A 324 -6.77 12.19 15.16
N ASP A 325 -7.76 13.08 15.11
CA ASP A 325 -9.12 12.66 15.38
C ASP A 325 -9.79 12.41 14.04
N VAL A 326 -10.34 11.21 13.85
CA VAL A 326 -11.02 10.85 12.61
C VAL A 326 -10.12 11.00 11.38
N ALA A 327 -8.86 10.62 11.52
CA ALA A 327 -7.88 10.73 10.43
C ALA A 327 -8.17 9.95 9.18
N ASN A 328 -8.59 8.70 9.32
CA ASN A 328 -8.84 7.85 8.15
C ASN A 328 -9.87 8.45 7.23
N GLU A 329 -10.49 9.53 7.65
CA GLU A 329 -11.50 10.17 6.84
C GLU A 329 -10.93 11.37 6.05
N VAL A 330 -9.59 11.50 6.04
CA VAL A 330 -8.94 12.59 5.30
C VAL A 330 -7.90 12.02 4.30
N ASP A 331 -7.96 12.50 3.04
CA ASP A 331 -7.07 12.01 1.98
C ASP A 331 -5.68 11.67 2.50
N HIS A 332 -5.09 10.61 1.93
CA HIS A 332 -3.79 10.17 2.38
C HIS A 332 -2.70 11.22 2.12
N ALA A 333 -2.84 11.92 0.99
CA ALA A 333 -1.88 12.95 0.59
C ALA A 333 -1.76 14.00 1.65
N PHE A 334 -2.90 14.37 2.21
CA PHE A 334 -2.89 15.37 3.25
C PHE A 334 -1.95 14.82 4.30
N TRP A 335 -2.26 13.63 4.79
CA TRP A 335 -1.44 13.01 5.81
C TRP A 335 0.02 12.85 5.45
N ARG A 336 0.32 12.39 4.24
CA ARG A 336 1.72 12.22 3.80
C ARG A 336 2.48 13.53 3.95
N GLU A 337 1.86 14.62 3.51
CA GLU A 337 2.49 15.93 3.59
C GLU A 337 2.55 16.44 5.02
N PHE A 338 1.49 16.20 5.80
CA PHE A 338 1.42 16.60 7.20
C PHE A 338 2.65 16.09 7.95
N ARG A 339 2.91 14.80 7.82
CA ARG A 339 4.05 14.19 8.48
C ARG A 339 5.31 14.94 8.14
N ARG A 340 5.59 15.04 6.85
CA ARG A 340 6.76 15.73 6.35
C ARG A 340 6.92 17.09 7.00
N LEU A 341 5.82 17.84 7.04
CA LEU A 341 5.83 19.18 7.62
C LEU A 341 6.16 19.08 9.09
N VAL A 342 5.42 18.24 9.78
CA VAL A 342 5.62 18.05 11.20
C VAL A 342 7.05 17.59 11.50
N LYS A 343 7.59 16.69 10.70
CA LYS A 343 8.91 16.16 10.96
C LYS A 343 10.09 17.08 10.73
N SER A 344 9.90 18.07 9.87
CA SER A 344 10.93 19.04 9.58
C SER A 344 11.01 20.01 10.76
N LEU A 345 9.85 20.32 11.34
CA LEU A 345 9.86 21.24 12.46
C LEU A 345 10.38 20.57 13.68
N ASN A 346 9.98 19.32 13.87
CA ASN A 346 10.41 18.55 15.02
C ASN A 346 10.43 17.07 14.74
N PRO A 347 11.63 16.51 14.53
CA PRO A 347 11.81 15.08 14.24
C PRO A 347 11.26 14.16 15.33
N ASP A 348 11.05 14.70 16.52
CA ASP A 348 10.53 13.90 17.63
C ASP A 348 9.06 14.11 17.89
N ALA A 349 8.41 14.89 17.06
CA ALA A 349 6.99 15.09 17.29
C ALA A 349 6.26 13.82 16.86
N LEU A 350 5.53 13.21 17.78
CA LEU A 350 4.81 11.99 17.46
C LEU A 350 3.50 12.30 16.74
N ILE A 351 3.04 11.36 15.93
CA ILE A 351 1.81 11.53 15.19
C ILE A 351 1.02 10.24 15.34
N VAL A 352 -0.14 10.33 15.98
CA VAL A 352 -0.93 9.14 16.21
C VAL A 352 -2.35 9.24 15.71
N GLY A 353 -2.65 8.49 14.65
CA GLY A 353 -4.01 8.51 14.12
C GLY A 353 -4.98 7.67 14.94
N GLU A 354 -6.26 7.85 14.65
CA GLU A 354 -7.31 7.08 15.32
C GLU A 354 -8.21 6.43 14.28
N ILE A 355 -7.99 5.13 14.07
CA ILE A 355 -8.77 4.36 13.11
C ILE A 355 -9.36 3.22 13.88
N TRP A 356 -10.56 2.81 13.51
CA TRP A 356 -11.19 1.68 14.20
C TRP A 356 -11.29 0.48 13.28
N HIS A 357 -10.22 0.23 12.54
CA HIS A 357 -10.11 -0.90 11.63
C HIS A 357 -8.70 -0.98 11.06
N ASP A 358 -8.33 -2.15 10.53
CA ASP A 358 -6.99 -2.38 9.97
C ASP A 358 -6.38 -1.10 9.44
N ALA A 359 -5.54 -0.51 10.27
CA ALA A 359 -4.86 0.74 9.98
C ALA A 359 -3.63 0.58 9.12
N SER A 360 -3.43 -0.59 8.55
CA SER A 360 -2.22 -0.81 7.75
C SER A 360 -1.92 0.28 6.74
N GLY A 361 -2.94 0.80 6.05
CA GLY A 361 -2.69 1.83 5.05
C GLY A 361 -2.00 3.11 5.50
N TRP A 362 -2.17 3.46 6.76
CA TRP A 362 -1.54 4.67 7.22
C TRP A 362 -0.27 4.36 7.98
N LEU A 363 0.00 3.07 8.10
CA LEU A 363 1.15 2.62 8.86
C LEU A 363 2.32 2.00 8.11
N MET A 364 2.62 2.54 6.92
CA MET A 364 3.72 2.09 6.10
C MET A 364 5.00 2.83 6.48
N GLY A 365 4.88 3.93 7.22
CA GLY A 365 6.07 4.68 7.61
C GLY A 365 6.07 6.10 7.09
N ASP A 366 5.20 6.37 6.13
CA ASP A 366 5.11 7.69 5.53
C ASP A 366 3.91 8.51 6.00
N GLN A 367 3.09 7.99 6.89
CA GLN A 367 1.94 8.77 7.34
C GLN A 367 1.95 9.00 8.84
N PHE A 368 1.32 8.11 9.60
CA PHE A 368 1.32 8.26 11.07
C PHE A 368 2.39 7.35 11.65
N ASP A 369 2.67 7.54 12.93
CA ASP A 369 3.63 6.73 13.66
C ASP A 369 2.87 5.58 14.30
N SER A 370 1.64 5.83 14.68
CA SER A 370 0.81 4.78 15.27
C SER A 370 -0.65 5.19 15.41
N VAL A 371 -1.45 4.25 15.89
CA VAL A 371 -2.88 4.45 16.10
C VAL A 371 -3.33 3.84 17.44
N MET A 372 -4.48 4.25 17.95
CA MET A 372 -4.98 3.71 19.21
C MET A 372 -5.21 2.23 18.95
N ASN A 373 -4.77 1.39 19.88
CA ASN A 373 -4.90 -0.04 19.72
C ASN A 373 -6.23 -0.56 20.24
N TYR A 374 -7.29 -0.30 19.50
CA TYR A 374 -8.58 -0.74 19.95
C TYR A 374 -8.57 -2.24 20.17
N LEU A 375 -7.80 -2.95 19.34
CA LEU A 375 -7.70 -4.40 19.42
C LEU A 375 -7.13 -4.85 20.74
N PHE A 376 -6.06 -4.20 21.16
CA PHE A 376 -5.42 -4.56 22.41
C PHE A 376 -6.45 -4.48 23.50
N ARG A 377 -7.21 -3.38 23.50
CA ARG A 377 -8.23 -3.19 24.53
C ARG A 377 -9.30 -4.28 24.51
N GLU A 378 -9.90 -4.49 23.35
CA GLU A 378 -10.93 -5.53 23.25
C GLU A 378 -10.40 -6.83 23.85
N SER A 379 -9.23 -7.29 23.39
CA SER A 379 -8.65 -8.53 23.88
C SER A 379 -8.60 -8.46 25.40
N VAL A 380 -8.07 -7.35 25.90
CA VAL A 380 -7.95 -7.11 27.33
C VAL A 380 -9.28 -7.23 28.04
N ILE A 381 -10.27 -6.52 27.53
CA ILE A 381 -11.59 -6.54 28.12
C ILE A 381 -12.15 -7.94 28.30
N ARG A 382 -12.23 -8.66 27.20
CA ARG A 382 -12.77 -10.01 27.17
C ARG A 382 -11.96 -11.05 27.91
N PHE A 383 -10.73 -10.74 28.27
CA PHE A 383 -9.91 -11.71 28.98
C PHE A 383 -9.81 -11.45 30.47
N PHE A 384 -9.62 -10.19 30.84
CA PHE A 384 -9.52 -9.88 32.25
C PHE A 384 -10.82 -9.38 32.86
N ALA A 385 -11.63 -8.68 32.07
CA ALA A 385 -12.86 -8.14 32.61
C ALA A 385 -14.10 -9.00 32.58
N THR A 386 -14.52 -9.38 31.37
CA THR A 386 -15.75 -10.17 31.20
C THR A 386 -15.56 -11.66 31.22
N GLY A 387 -14.35 -12.11 30.93
CA GLY A 387 -14.11 -13.53 30.92
C GLY A 387 -14.84 -14.23 29.79
N GLU A 388 -14.98 -13.54 28.66
CA GLU A 388 -15.64 -14.12 27.51
C GLU A 388 -14.68 -15.03 26.77
N ILE A 389 -13.42 -14.65 26.68
CA ILE A 389 -12.44 -15.49 25.98
C ILE A 389 -11.39 -16.02 26.95
N HIS A 390 -10.89 -17.23 26.69
CA HIS A 390 -9.85 -17.84 27.53
C HIS A 390 -8.45 -17.47 27.05
N ALA A 391 -7.45 -17.76 27.89
CA ALA A 391 -6.07 -17.46 27.57
C ALA A 391 -5.64 -17.84 26.15
N GLU A 392 -6.16 -18.93 25.61
CA GLU A 392 -5.76 -19.32 24.27
C GLU A 392 -6.22 -18.31 23.25
N ARG A 393 -7.48 -17.90 23.34
CA ARG A 393 -8.01 -16.91 22.39
C ARG A 393 -7.24 -15.61 22.59
N PHE A 394 -7.07 -15.24 23.85
CA PHE A 394 -6.35 -14.03 24.22
C PHE A 394 -5.00 -14.00 23.54
N ASP A 395 -4.35 -15.15 23.50
CA ASP A 395 -3.04 -15.25 22.87
C ASP A 395 -3.14 -15.00 21.36
N ALA A 396 -4.12 -15.63 20.73
CA ALA A 396 -4.36 -15.51 19.31
C ALA A 396 -4.70 -14.09 18.93
N GLU A 397 -5.68 -13.53 19.62
CA GLU A 397 -6.07 -12.16 19.33
C GLU A 397 -4.87 -11.26 19.41
N LEU A 398 -4.10 -11.38 20.48
CA LEU A 398 -2.92 -10.55 20.65
C LEU A 398 -1.93 -10.78 19.54
N THR A 399 -1.73 -12.05 19.18
CA THR A 399 -0.75 -12.41 18.16
C THR A 399 -1.11 -11.99 16.73
N ARG A 400 -2.39 -12.05 16.43
CA ARG A 400 -2.86 -11.70 15.09
C ARG A 400 -2.62 -10.23 14.78
N ALA A 401 -2.82 -9.40 15.78
CA ALA A 401 -2.67 -7.96 15.62
C ALA A 401 -1.23 -7.54 15.50
N ARG A 402 -0.38 -8.20 16.29
CA ARG A 402 1.02 -7.88 16.26
C ARG A 402 1.52 -7.95 14.82
N MET A 403 1.07 -8.97 14.09
CA MET A 403 1.48 -9.19 12.71
C MET A 403 0.85 -8.23 11.71
N LEU A 404 -0.25 -7.62 12.11
CA LEU A 404 -0.98 -6.66 11.29
C LEU A 404 -0.14 -5.56 10.66
N TYR A 405 0.76 -4.94 11.44
CA TYR A 405 1.56 -3.84 10.92
C TYR A 405 3.06 -4.05 11.09
N PRO A 406 3.90 -3.16 10.53
CA PRO A 406 5.34 -3.37 10.71
C PRO A 406 5.72 -3.18 12.19
N GLU A 407 6.76 -3.87 12.65
CA GLU A 407 7.14 -3.75 14.05
C GLU A 407 7.14 -2.31 14.48
N GLN A 408 7.83 -1.46 13.74
CA GLN A 408 7.90 -0.04 14.06
C GLN A 408 6.58 0.46 14.55
N ALA A 409 5.52 0.09 13.85
CA ALA A 409 4.21 0.52 14.29
C ALA A 409 3.84 -0.33 15.48
N ALA A 410 3.78 -1.64 15.27
CA ALA A 410 3.43 -2.57 16.33
C ALA A 410 3.87 -2.02 17.67
N GLN A 411 5.16 -1.80 17.79
CA GLN A 411 5.73 -1.32 19.02
C GLN A 411 5.29 0.06 19.53
N GLY A 412 4.69 0.89 18.71
CA GLY A 412 4.30 2.21 19.19
C GLY A 412 2.84 2.32 19.54
N LEU A 413 2.05 1.42 18.99
CA LEU A 413 0.62 1.39 19.20
C LEU A 413 0.25 1.77 20.62
N TRP A 414 -0.67 2.71 20.75
CA TRP A 414 -1.13 3.20 22.04
C TRP A 414 -2.10 2.19 22.63
N ASN A 415 -1.70 1.56 23.74
CA ASN A 415 -2.57 0.57 24.37
C ASN A 415 -3.38 1.12 25.52
N LEU A 416 -4.64 1.43 25.29
CA LEU A 416 -5.48 1.96 26.37
C LEU A 416 -6.40 0.87 26.95
N LEU A 417 -6.81 1.03 28.20
CA LEU A 417 -7.72 0.05 28.81
C LEU A 417 -9.13 0.62 28.62
N ASP A 418 -9.20 1.94 28.45
CA ASP A 418 -10.50 2.61 28.29
C ASP A 418 -10.34 4.03 27.72
N SER A 419 -11.43 4.78 27.73
CA SER A 419 -11.41 6.16 27.25
C SER A 419 -12.67 6.88 27.65
N HIS A 420 -12.74 8.16 27.34
CA HIS A 420 -13.94 8.93 27.67
C HIS A 420 -15.11 8.36 26.85
N ASP A 421 -14.79 7.58 25.83
CA ASP A 421 -15.79 6.96 24.97
C ASP A 421 -16.17 5.57 25.42
N THR A 422 -15.78 5.18 26.61
CA THR A 422 -16.08 3.83 27.08
C THR A 422 -16.16 3.82 28.59
N GLU A 423 -16.74 2.76 29.15
CA GLU A 423 -16.84 2.64 30.59
C GLU A 423 -15.46 2.38 31.16
N ARG A 424 -15.30 2.68 32.45
CA ARG A 424 -14.04 2.48 33.17
C ARG A 424 -13.72 0.99 33.22
N PHE A 425 -12.45 0.66 33.17
CA PHE A 425 -12.10 -0.74 33.17
C PHE A 425 -12.44 -1.44 34.49
N LEU A 426 -12.31 -0.71 35.59
CA LEU A 426 -12.61 -1.25 36.92
C LEU A 426 -14.06 -1.65 36.89
N THR A 427 -14.88 -0.75 36.39
CA THR A 427 -16.29 -1.01 36.26
C THR A 427 -16.44 -2.22 35.34
N SER A 428 -15.68 -2.27 34.26
CA SER A 428 -15.76 -3.42 33.36
C SER A 428 -15.41 -4.67 34.13
N CYS A 429 -14.53 -4.53 35.12
CA CYS A 429 -14.11 -5.68 35.89
C CYS A 429 -15.07 -5.97 37.03
N GLY A 430 -16.22 -5.33 36.91
CA GLY A 430 -17.29 -5.47 37.87
C GLY A 430 -16.89 -5.11 39.28
N GLY A 431 -15.93 -4.20 39.41
CA GLY A 431 -15.48 -3.77 40.72
C GLY A 431 -14.37 -4.61 41.34
N ASN A 432 -13.91 -5.59 40.59
CA ASN A 432 -12.86 -6.43 41.12
C ASN A 432 -11.49 -5.85 40.81
N GLU A 433 -10.85 -5.33 41.85
CA GLU A 433 -9.53 -4.75 41.69
C GLU A 433 -8.53 -5.79 41.22
N ALA A 434 -8.55 -6.98 41.82
CA ALA A 434 -7.63 -8.03 41.44
C ALA A 434 -7.50 -8.09 39.91
N LYS A 435 -8.64 -8.28 39.23
CA LYS A 435 -8.62 -8.35 37.78
C LYS A 435 -7.98 -7.08 37.24
N PHE A 436 -8.56 -5.93 37.60
CA PHE A 436 -8.05 -4.64 37.14
C PHE A 436 -6.54 -4.66 37.16
N ARG A 437 -5.99 -4.85 38.36
CA ARG A 437 -4.54 -4.88 38.56
C ARG A 437 -3.78 -5.74 37.53
N LEU A 438 -4.15 -7.02 37.46
CA LEU A 438 -3.52 -7.98 36.54
C LEU A 438 -3.51 -7.40 35.15
N ALA A 439 -4.64 -6.82 34.76
CA ALA A 439 -4.79 -6.20 33.45
C ALA A 439 -3.73 -5.10 33.27
N VAL A 440 -3.53 -4.30 34.32
CA VAL A 440 -2.53 -3.25 34.27
C VAL A 440 -1.16 -3.88 34.16
N LEU A 441 -0.89 -4.87 35.00
CA LEU A 441 0.43 -5.49 34.94
C LEU A 441 0.75 -5.96 33.54
N PHE A 442 -0.30 -6.25 32.78
CA PHE A 442 -0.13 -6.74 31.41
C PHE A 442 0.07 -5.58 30.43
N GLN A 443 -0.76 -4.56 30.58
CA GLN A 443 -0.64 -3.43 29.72
C GLN A 443 0.74 -2.83 29.96
N MET A 444 1.16 -2.85 31.21
CA MET A 444 2.43 -2.27 31.58
C MET A 444 3.65 -3.10 31.17
N THR A 445 3.43 -4.31 30.70
CA THR A 445 4.57 -5.14 30.30
C THR A 445 4.45 -5.59 28.87
N TYR A 446 3.29 -5.37 28.26
CA TYR A 446 3.10 -5.80 26.88
C TYR A 446 3.75 -4.89 25.82
N LEU A 447 3.79 -5.38 24.59
CA LEU A 447 4.36 -4.63 23.48
C LEU A 447 3.44 -3.48 23.10
N GLY A 448 3.99 -2.26 23.11
CA GLY A 448 3.17 -1.12 22.75
C GLY A 448 3.09 -0.04 23.82
N THR A 449 2.95 1.20 23.40
CA THR A 449 2.91 2.31 24.33
C THR A 449 1.74 2.37 25.31
N PRO A 450 2.03 2.30 26.62
CA PRO A 450 1.04 2.34 27.69
C PRO A 450 0.29 3.67 27.79
N LEU A 451 -1.04 3.58 27.81
CA LEU A 451 -1.85 4.79 27.94
C LEU A 451 -2.78 4.64 29.12
N ILE A 452 -2.60 5.52 30.11
CA ILE A 452 -3.40 5.51 31.33
C ILE A 452 -4.51 6.55 31.26
N TYR A 453 -5.75 6.13 31.45
CA TYR A 453 -6.87 7.07 31.42
C TYR A 453 -7.00 7.73 32.79
N TYR A 454 -6.93 9.06 32.82
CA TYR A 454 -6.99 9.81 34.08
C TYR A 454 -7.99 9.22 35.09
N GLY A 455 -7.48 8.87 36.27
CA GLY A 455 -8.34 8.33 37.32
C GLY A 455 -8.06 6.87 37.66
N ASP A 456 -8.01 6.06 36.63
CA ASP A 456 -7.76 4.64 36.76
C ASP A 456 -6.57 4.38 37.67
N GLU A 457 -5.64 5.32 37.74
CA GLU A 457 -4.47 5.11 38.59
C GLU A 457 -4.85 5.10 40.07
N ILE A 458 -5.88 5.84 40.44
CA ILE A 458 -6.26 5.88 41.84
C ILE A 458 -7.59 5.20 42.05
N GLY A 459 -7.87 4.32 41.11
CA GLY A 459 -9.08 3.52 41.10
C GLY A 459 -10.41 4.19 40.87
N MET A 460 -10.46 5.26 40.08
CA MET A 460 -11.76 5.87 39.84
C MET A 460 -12.68 4.81 39.27
N ALA A 461 -13.96 5.12 39.12
CA ALA A 461 -14.89 4.15 38.55
C ALA A 461 -15.90 4.87 37.69
N GLY A 462 -16.73 4.13 36.95
CA GLY A 462 -17.71 4.79 36.12
C GLY A 462 -18.21 4.03 34.88
N ALA A 463 -19.51 4.16 34.62
CA ALA A 463 -20.14 3.51 33.48
C ALA A 463 -19.80 4.25 32.20
N THR A 464 -20.35 3.80 31.09
CA THR A 464 -20.09 4.45 29.82
C THR A 464 -20.35 5.94 29.83
N ASP A 465 -19.88 6.61 28.78
CA ASP A 465 -20.01 8.06 28.59
C ASP A 465 -21.46 8.49 28.87
N PRO A 466 -21.64 9.57 29.66
CA PRO A 466 -20.61 10.39 30.31
C PRO A 466 -20.23 9.97 31.72
N ASP A 467 -20.61 8.78 32.14
CA ASP A 467 -20.29 8.37 33.49
C ASP A 467 -18.79 8.14 33.68
N CYS A 468 -18.06 7.97 32.57
CA CYS A 468 -16.61 7.72 32.61
C CYS A 468 -15.82 9.02 32.76
N LYS A 469 -16.56 10.12 32.72
CA LYS A 469 -16.03 11.46 32.78
C LYS A 469 -16.23 12.18 34.12
N ARG A 470 -16.38 11.40 35.18
CA ARG A 470 -16.56 11.98 36.51
C ARG A 470 -15.31 12.81 36.78
N PRO A 471 -15.39 13.74 37.73
CA PRO A 471 -14.27 14.62 38.10
C PRO A 471 -13.23 13.86 38.90
N MET A 472 -11.97 14.07 38.57
CA MET A 472 -10.83 13.44 39.23
C MET A 472 -10.88 13.44 40.78
N ILE A 473 -10.56 12.30 41.41
CA ILE A 473 -10.55 12.17 42.89
C ILE A 473 -9.24 12.74 43.42
N TRP A 474 -9.29 13.78 44.24
CA TRP A 474 -8.06 14.38 44.76
C TRP A 474 -7.79 14.19 46.23
N GLU A 475 -8.81 13.81 47.00
CA GLU A 475 -8.63 13.61 48.43
C GLU A 475 -7.97 12.28 48.72
N GLU A 476 -6.75 12.31 49.23
CA GLU A 476 -6.02 11.09 49.54
C GLU A 476 -6.85 10.04 50.30
N LYS A 477 -7.67 10.50 51.24
CA LYS A 477 -8.51 9.60 52.02
C LYS A 477 -9.56 8.98 51.12
N GLU A 478 -9.73 9.54 49.94
CA GLU A 478 -10.70 9.01 49.00
C GLU A 478 -10.03 8.41 47.75
N GLN A 479 -8.74 8.15 47.81
CA GLN A 479 -8.01 7.59 46.68
C GLN A 479 -7.48 6.20 46.96
N ASN A 480 -7.22 5.46 45.89
CA ASN A 480 -6.68 4.12 46.08
C ASN A 480 -5.16 4.24 45.98
N ARG A 481 -4.51 4.57 47.09
CA ARG A 481 -3.07 4.75 47.09
C ARG A 481 -2.33 3.47 46.80
N GLY A 482 -2.89 2.36 47.27
CA GLY A 482 -2.25 1.07 47.05
C GLY A 482 -2.16 0.79 45.57
N LEU A 483 -3.18 1.23 44.84
CA LEU A 483 -3.22 1.05 43.41
C LEU A 483 -2.16 1.97 42.84
N PHE A 484 -2.28 3.24 43.18
CA PHE A 484 -1.35 4.26 42.72
C PHE A 484 0.08 3.76 42.86
N GLU A 485 0.35 3.01 43.91
CA GLU A 485 1.70 2.51 44.14
C GLU A 485 2.00 1.40 43.16
N PHE A 486 1.01 0.53 42.96
CA PHE A 486 1.13 -0.58 42.03
C PHE A 486 1.57 0.01 40.67
N TYR A 487 0.84 1.03 40.21
CA TYR A 487 1.17 1.69 38.95
C TYR A 487 2.59 2.24 38.96
N LYS A 488 2.89 3.05 39.96
CA LYS A 488 4.21 3.64 40.09
C LYS A 488 5.32 2.63 39.81
N GLU A 489 5.24 1.50 40.50
CA GLU A 489 6.23 0.44 40.37
C GLU A 489 6.25 -0.16 38.97
N LEU A 490 5.09 -0.49 38.42
CA LEU A 490 5.08 -1.05 37.09
C LEU A 490 5.77 -0.06 36.19
N ILE A 491 5.35 1.21 36.29
CA ILE A 491 5.93 2.28 35.49
C ILE A 491 7.44 2.39 35.60
N ARG A 492 7.95 2.13 36.80
CA ARG A 492 9.37 2.18 37.06
C ARG A 492 10.07 1.01 36.41
N LEU A 493 9.52 -0.19 36.60
CA LEU A 493 10.11 -1.38 36.03
C LEU A 493 10.22 -1.25 34.54
N ARG A 494 9.23 -0.63 33.94
CA ARG A 494 9.25 -0.46 32.51
C ARG A 494 10.49 0.39 32.12
N HIS A 495 11.02 1.18 33.04
CA HIS A 495 12.17 1.99 32.69
C HIS A 495 13.47 1.25 32.94
N ARG A 496 13.48 0.46 34.02
CA ARG A 496 14.68 -0.30 34.42
C ARG A 496 14.93 -1.48 33.47
N LEU A 497 13.86 -2.13 33.02
CA LEU A 497 13.99 -3.27 32.11
C LEU A 497 13.81 -2.78 30.67
N ALA A 498 14.88 -2.88 29.88
CA ALA A 498 14.85 -2.44 28.50
C ALA A 498 14.03 -3.37 27.62
N SER A 499 13.97 -4.64 28.00
CA SER A 499 13.22 -5.62 27.21
C SER A 499 11.77 -5.19 27.03
N LEU A 500 11.21 -4.67 28.12
CA LEU A 500 9.81 -4.26 28.14
C LEU A 500 9.46 -3.11 27.22
N THR A 501 10.43 -2.29 26.88
CA THR A 501 10.12 -1.20 26.01
C THR A 501 10.60 -1.42 24.59
N ARG A 502 11.82 -1.95 24.45
CA ARG A 502 12.35 -2.13 23.11
C ARG A 502 12.47 -3.57 22.66
N GLY A 503 11.81 -4.45 23.40
CA GLY A 503 11.87 -5.88 23.06
C GLY A 503 10.68 -6.45 22.31
N ASN A 504 10.90 -7.58 21.66
CA ASN A 504 9.85 -8.22 20.93
C ASN A 504 9.02 -9.06 21.87
N VAL A 505 8.04 -9.74 21.31
CA VAL A 505 7.18 -10.61 22.09
C VAL A 505 7.10 -11.97 21.42
N ARG A 506 6.90 -12.98 22.25
CA ARG A 506 6.78 -14.33 21.80
C ARG A 506 6.03 -15.04 22.91
N SER A 507 4.97 -15.77 22.54
CA SER A 507 4.16 -16.48 23.51
C SER A 507 4.99 -17.52 24.25
N TRP A 508 4.74 -17.62 25.55
CA TRP A 508 5.47 -18.54 26.39
C TRP A 508 4.63 -19.71 26.88
N HIS A 509 3.40 -19.41 27.28
CA HIS A 509 2.54 -20.44 27.76
C HIS A 509 1.08 -20.02 27.67
N ALA A 510 0.20 -20.99 27.45
CA ALA A 510 -1.21 -20.74 27.31
C ALA A 510 -2.00 -21.98 27.71
N ASP A 511 -3.02 -21.78 28.53
CA ASP A 511 -3.83 -22.91 28.95
C ASP A 511 -5.28 -22.46 29.02
N LYS A 512 -6.10 -23.02 28.13
CA LYS A 512 -7.51 -22.65 28.09
C LYS A 512 -8.26 -23.09 29.32
N GLN A 513 -7.71 -24.09 30.01
CA GLN A 513 -8.35 -24.59 31.21
C GLN A 513 -7.93 -23.77 32.41
N ALA A 514 -6.64 -23.80 32.70
CA ALA A 514 -6.09 -23.07 33.83
C ALA A 514 -6.35 -21.58 33.64
N ASN A 515 -6.51 -21.19 32.38
CA ASN A 515 -6.77 -19.80 32.00
C ASN A 515 -5.59 -18.92 32.40
N LEU A 516 -4.39 -19.45 32.21
CA LEU A 516 -3.19 -18.69 32.54
C LEU A 516 -2.41 -18.43 31.28
N TYR A 517 -1.95 -17.21 31.11
CA TYR A 517 -1.19 -16.86 29.94
C TYR A 517 0.15 -16.26 30.30
N ALA A 518 1.10 -16.44 29.41
CA ALA A 518 2.44 -15.94 29.63
C ALA A 518 3.16 -15.60 28.34
N PHE A 519 3.88 -14.50 28.36
CA PHE A 519 4.65 -14.07 27.21
C PHE A 519 6.03 -13.68 27.69
N VAL A 520 6.95 -13.50 26.76
CA VAL A 520 8.31 -13.10 27.08
C VAL A 520 8.71 -11.89 26.27
N ARG A 521 9.46 -11.00 26.90
CA ARG A 521 9.95 -9.80 26.21
C ARG A 521 11.47 -9.98 26.07
N THR A 522 11.96 -10.03 24.82
CA THR A 522 13.38 -10.24 24.58
C THR A 522 14.09 -9.15 23.80
N VAL A 523 15.21 -8.68 24.35
CA VAL A 523 15.99 -7.66 23.69
C VAL A 523 17.45 -7.98 23.93
N GLN A 524 18.21 -8.17 22.85
CA GLN A 524 19.62 -8.52 22.97
C GLN A 524 19.78 -9.76 23.85
N ASP A 525 20.62 -9.71 24.87
CA ASP A 525 20.83 -10.87 25.75
C ASP A 525 19.88 -10.88 26.96
N GLN A 526 19.10 -9.82 27.11
CA GLN A 526 18.16 -9.72 28.22
C GLN A 526 16.96 -10.66 28.05
N HIS A 527 16.05 -10.60 29.02
CA HIS A 527 14.87 -11.44 29.00
C HIS A 527 13.97 -11.16 30.17
N VAL A 528 12.67 -11.11 29.89
CA VAL A 528 11.71 -10.86 30.95
C VAL A 528 10.42 -11.62 30.75
N GLY A 529 10.22 -12.67 31.55
CA GLY A 529 9.02 -13.47 31.45
C GLY A 529 7.88 -12.99 32.32
N VAL A 530 6.69 -12.88 31.72
CA VAL A 530 5.52 -12.43 32.44
C VAL A 530 4.49 -13.55 32.55
N VAL A 531 4.16 -13.91 33.78
CA VAL A 531 3.20 -14.97 34.07
C VAL A 531 1.96 -14.33 34.69
N LEU A 532 0.80 -14.74 34.21
CA LEU A 532 -0.46 -14.22 34.72
C LEU A 532 -1.46 -15.33 34.91
N ASN A 533 -1.86 -15.52 36.16
CA ASN A 533 -2.83 -16.54 36.51
C ASN A 533 -4.19 -15.86 36.55
N ASN A 534 -4.88 -15.88 35.42
CA ASN A 534 -6.18 -15.24 35.33
C ASN A 534 -7.29 -16.10 35.90
N ARG A 535 -7.26 -16.31 37.22
CA ARG A 535 -8.24 -17.15 37.91
C ARG A 535 -8.42 -16.68 39.34
N GLY A 536 -9.43 -17.24 40.01
CA GLY A 536 -9.70 -16.89 41.39
C GLY A 536 -9.33 -18.05 42.31
N GLU A 537 -8.46 -18.93 41.85
CA GLU A 537 -8.02 -20.07 42.64
C GLU A 537 -6.49 -20.08 42.58
N LYS A 538 -5.85 -20.77 43.50
CA LYS A 538 -4.39 -20.85 43.49
C LYS A 538 -4.00 -21.89 42.44
N GLN A 539 -2.99 -21.61 41.63
CA GLN A 539 -2.57 -22.59 40.62
C GLN A 539 -1.07 -22.71 40.45
N THR A 540 -0.66 -23.85 39.94
CA THR A 540 0.76 -24.12 39.71
C THR A 540 0.93 -24.60 38.27
N VAL A 541 2.00 -24.19 37.60
CA VAL A 541 2.20 -24.64 36.23
C VAL A 541 3.65 -24.84 35.87
N LEU A 542 3.89 -25.70 34.90
CA LEU A 542 5.24 -25.98 34.46
C LEU A 542 5.51 -25.26 33.14
N LEU A 543 6.55 -24.44 33.09
CA LEU A 543 6.89 -23.72 31.86
C LEU A 543 8.24 -24.10 31.28
N GLN A 544 8.25 -24.39 29.98
CA GLN A 544 9.49 -24.77 29.29
C GLN A 544 10.54 -23.69 29.42
N VAL A 545 11.74 -24.09 29.80
CA VAL A 545 12.81 -23.11 29.98
C VAL A 545 14.19 -23.67 29.69
N PRO A 546 14.65 -23.58 28.44
CA PRO A 546 15.98 -24.09 28.06
C PRO A 546 17.14 -23.24 28.63
N GLU A 547 18.19 -23.91 29.13
CA GLU A 547 19.35 -23.21 29.68
C GLU A 547 19.91 -22.09 28.81
N SER A 548 19.67 -22.17 27.51
CA SER A 548 20.16 -21.16 26.57
C SER A 548 19.69 -19.75 26.93
N GLY A 549 18.56 -19.69 27.63
CA GLY A 549 18.03 -18.40 28.02
C GLY A 549 18.17 -18.13 29.50
N GLY A 550 18.95 -18.96 30.19
CA GLY A 550 19.15 -18.79 31.63
C GLY A 550 18.35 -19.78 32.45
N LYS A 551 18.78 -20.03 33.68
CA LYS A 551 18.07 -20.99 34.55
C LYS A 551 17.77 -20.43 35.93
N THR A 552 17.61 -19.11 36.00
CA THR A 552 17.31 -18.42 37.26
C THR A 552 16.82 -17.02 36.94
N TRP A 553 15.61 -16.72 37.39
CA TRP A 553 14.98 -15.42 37.17
C TRP A 553 14.74 -14.73 38.49
N LEU A 554 14.11 -13.57 38.42
CA LEU A 554 13.80 -12.77 39.60
C LEU A 554 12.44 -12.07 39.42
N ASP A 555 11.51 -12.31 40.34
CA ASP A 555 10.18 -11.68 40.27
C ASP A 555 10.34 -10.24 40.66
N CYS A 556 10.56 -9.39 39.66
CA CYS A 556 10.78 -7.97 39.88
C CYS A 556 9.76 -7.29 40.78
N LEU A 557 8.69 -8.02 41.05
CA LEU A 557 7.65 -7.50 41.89
C LEU A 557 7.80 -7.92 43.34
N THR A 558 8.24 -9.15 43.58
CA THR A 558 8.40 -9.63 44.96
C THR A 558 9.83 -9.90 45.40
N GLY A 559 10.77 -10.01 44.47
CA GLY A 559 12.14 -10.26 44.89
C GLY A 559 12.47 -11.73 45.03
N GLU A 560 11.45 -12.59 44.91
CA GLU A 560 11.65 -14.04 45.01
C GLU A 560 12.51 -14.53 43.84
N GLU A 561 13.52 -15.35 44.14
CA GLU A 561 14.42 -15.87 43.12
C GLU A 561 13.98 -17.28 42.69
N VAL A 562 13.41 -17.38 41.49
CA VAL A 562 12.96 -18.68 41.00
C VAL A 562 14.05 -19.37 40.23
N HIS A 563 14.20 -20.66 40.49
CA HIS A 563 15.23 -21.43 39.84
C HIS A 563 14.61 -22.48 38.94
N GLY A 564 15.25 -22.70 37.79
CA GLY A 564 14.77 -23.68 36.85
C GLY A 564 15.54 -24.97 36.96
N LYS A 565 14.81 -26.07 36.79
CA LYS A 565 15.36 -27.42 36.86
C LYS A 565 15.09 -28.22 35.59
N GLN A 566 16.11 -28.30 34.73
CA GLN A 566 16.02 -29.03 33.47
C GLN A 566 14.85 -28.65 32.60
N GLY A 567 15.03 -27.55 31.87
CA GLY A 567 14.02 -27.05 30.96
C GLY A 567 12.66 -26.76 31.55
N GLN A 568 12.47 -27.08 32.82
CA GLN A 568 11.17 -26.83 33.43
C GLN A 568 11.31 -25.85 34.58
N LEU A 569 10.23 -25.10 34.82
CA LEU A 569 10.18 -24.13 35.90
C LEU A 569 8.81 -24.17 36.56
N LYS A 570 8.76 -24.74 37.77
CA LYS A 570 7.50 -24.83 38.49
C LYS A 570 7.17 -23.46 39.08
N LEU A 571 5.89 -23.09 38.97
CA LEU A 571 5.41 -21.80 39.44
C LEU A 571 4.03 -21.87 40.10
N THR A 572 3.90 -21.24 41.26
CA THR A 572 2.64 -21.24 41.97
C THR A 572 2.12 -19.79 42.07
N LEU A 573 1.09 -19.49 41.29
CA LEU A 573 0.52 -18.16 41.26
C LEU A 573 -0.74 -18.09 42.12
N ARG A 574 -0.91 -16.97 42.81
CA ARG A 574 -2.04 -16.72 43.68
C ARG A 574 -3.14 -16.18 42.79
N PRO A 575 -4.37 -16.13 43.28
CA PRO A 575 -5.45 -15.62 42.43
C PRO A 575 -5.15 -14.27 41.77
N TYR A 576 -5.26 -14.26 40.44
CA TYR A 576 -5.01 -13.08 39.63
C TYR A 576 -3.66 -12.46 39.91
N GLN A 577 -2.71 -13.32 40.25
CA GLN A 577 -1.35 -12.87 40.55
C GLN A 577 -0.58 -12.83 39.25
N GLY A 578 0.34 -11.88 39.14
CA GLY A 578 1.16 -11.75 37.93
C GLY A 578 2.63 -11.71 38.26
N MET A 579 3.45 -12.49 37.55
CA MET A 579 4.89 -12.51 37.82
C MET A 579 5.73 -11.91 36.70
N ILE A 580 6.73 -11.13 37.08
CA ILE A 580 7.60 -10.49 36.09
C ILE A 580 9.00 -11.00 36.37
N LEU A 581 9.36 -12.05 35.64
CA LEU A 581 10.67 -12.68 35.80
C LEU A 581 11.77 -12.13 34.89
N TRP A 582 12.86 -11.73 35.53
CA TRP A 582 14.01 -11.18 34.84
C TRP A 582 15.23 -12.10 34.93
N ASN A 583 15.64 -12.61 33.77
CA ASN A 583 16.78 -13.51 33.64
C ASN A 583 18.08 -12.98 34.24
N GLY A 584 18.32 -11.68 34.13
CA GLY A 584 19.53 -11.14 34.70
C GLY A 584 20.47 -10.47 33.73
N ARG A 585 20.47 -10.94 32.49
CA ARG A 585 21.32 -10.36 31.46
C ARG A 585 20.80 -8.99 30.97
N MET B 1 -14.91 -25.44 3.63
CA MET B 1 -13.91 -24.76 2.77
C MET B 1 -12.63 -24.41 3.52
N LEU B 2 -11.57 -24.16 2.77
CA LEU B 2 -10.29 -23.83 3.37
C LEU B 2 -10.30 -22.33 3.56
N LEU B 3 -10.61 -21.88 4.78
CA LEU B 3 -10.67 -20.44 5.08
C LEU B 3 -9.32 -19.73 4.99
N GLU B 4 -8.25 -20.49 5.20
CA GLU B 4 -6.92 -19.93 5.13
C GLU B 4 -6.50 -19.71 3.69
N ALA B 5 -7.45 -19.83 2.77
CA ALA B 5 -7.13 -19.63 1.36
C ALA B 5 -7.82 -18.36 0.94
N ILE B 6 -8.88 -18.03 1.65
CA ILE B 6 -9.59 -16.84 1.34
C ILE B 6 -8.75 -15.64 1.77
N PHE B 7 -8.71 -14.63 0.91
CA PHE B 7 -7.96 -13.43 1.22
C PHE B 7 -8.60 -12.18 0.65
N HIS B 8 -8.54 -11.08 1.41
CA HIS B 8 -9.09 -9.78 1.00
C HIS B 8 -8.60 -8.66 1.90
N GLU B 9 -8.56 -7.46 1.36
CA GLU B 9 -8.13 -6.28 2.12
C GLU B 9 -8.80 -5.05 1.59
N ALA B 10 -9.10 -4.09 2.48
CA ALA B 10 -9.76 -2.87 2.07
C ALA B 10 -8.80 -1.88 1.47
N LYS B 11 -7.97 -2.35 0.55
CA LYS B 11 -6.99 -1.48 -0.12
C LYS B 11 -6.36 -2.17 -1.32
N GLY B 12 -5.45 -1.47 -1.99
CA GLY B 12 -4.77 -2.03 -3.14
C GLY B 12 -5.65 -2.59 -4.25
N SER B 13 -5.22 -3.71 -4.82
CA SER B 13 -6.00 -4.32 -5.88
C SER B 13 -7.14 -5.19 -5.36
N TYR B 14 -7.62 -4.95 -4.15
CA TYR B 14 -8.71 -5.74 -3.65
C TYR B 14 -9.85 -4.86 -3.15
N ALA B 15 -9.56 -3.57 -2.97
CA ALA B 15 -10.55 -2.55 -2.57
C ALA B 15 -10.14 -1.17 -3.08
N TYR B 16 -10.83 -0.69 -4.11
CA TYR B 16 -10.52 0.61 -4.68
C TYR B 16 -11.71 1.21 -5.37
N PRO B 17 -11.88 2.53 -5.26
CA PRO B 17 -13.01 3.23 -5.89
C PRO B 17 -12.85 3.42 -7.39
N ILE B 18 -13.86 3.02 -8.17
CA ILE B 18 -13.81 3.22 -9.62
C ILE B 18 -14.33 4.60 -9.92
N SER B 19 -14.90 5.21 -8.89
CA SER B 19 -15.49 6.53 -8.98
C SER B 19 -15.57 7.02 -7.55
N GLU B 20 -16.09 8.22 -7.37
CA GLU B 20 -16.23 8.81 -6.05
C GLU B 20 -17.33 8.17 -5.19
N THR B 21 -18.25 7.45 -5.83
CA THR B 21 -19.34 6.82 -5.07
C THR B 21 -19.46 5.32 -5.32
N GLN B 22 -18.42 4.74 -5.88
CA GLN B 22 -18.47 3.32 -6.17
C GLN B 22 -17.17 2.66 -5.77
N LEU B 23 -17.31 1.60 -4.98
CA LEU B 23 -16.16 0.87 -4.49
C LEU B 23 -16.15 -0.54 -5.02
N ARG B 24 -15.14 -0.85 -5.82
CA ARG B 24 -14.97 -2.19 -6.40
C ARG B 24 -14.33 -3.07 -5.32
N VAL B 25 -14.79 -4.29 -5.15
CA VAL B 25 -14.19 -5.14 -4.13
C VAL B 25 -13.87 -6.49 -4.74
N ARG B 26 -12.74 -7.07 -4.35
CA ARG B 26 -12.30 -8.38 -4.86
C ARG B 26 -12.02 -9.37 -3.74
N LEU B 27 -12.46 -10.61 -3.94
CA LEU B 27 -12.25 -11.65 -2.95
C LEU B 27 -11.58 -12.83 -3.61
N ARG B 28 -10.57 -13.40 -2.94
CA ARG B 28 -9.81 -14.54 -3.44
C ARG B 28 -10.13 -15.77 -2.60
N ALA B 29 -10.10 -16.94 -3.23
CA ALA B 29 -10.36 -18.23 -2.56
C ALA B 29 -9.69 -19.34 -3.33
N LYS B 30 -9.79 -20.56 -2.78
CA LYS B 30 -9.24 -21.74 -3.43
C LYS B 30 -10.15 -22.01 -4.63
N LYS B 31 -9.55 -22.39 -5.75
CA LYS B 31 -10.34 -22.70 -6.94
C LYS B 31 -11.35 -23.78 -6.52
N GLY B 32 -12.63 -23.52 -6.72
CA GLY B 32 -13.62 -24.51 -6.36
C GLY B 32 -14.24 -24.37 -4.98
N ASP B 33 -13.43 -23.95 -4.02
CA ASP B 33 -13.89 -23.78 -2.64
C ASP B 33 -15.13 -22.91 -2.52
N VAL B 34 -15.20 -21.84 -3.28
CA VAL B 34 -16.37 -20.99 -3.18
C VAL B 34 -17.22 -21.05 -4.42
N VAL B 35 -18.53 -21.06 -4.21
CA VAL B 35 -19.49 -21.13 -5.31
C VAL B 35 -20.23 -19.81 -5.46
N ARG B 36 -20.72 -19.26 -4.36
CA ARG B 36 -21.44 -17.99 -4.38
C ARG B 36 -20.78 -16.96 -3.44
N CYS B 37 -20.66 -15.71 -3.90
CA CYS B 37 -20.05 -14.66 -3.06
C CYS B 37 -20.87 -13.37 -3.13
N GLU B 38 -21.55 -13.06 -2.04
CA GLU B 38 -22.38 -11.86 -1.97
C GLU B 38 -21.77 -10.86 -0.96
N VAL B 39 -21.99 -9.57 -1.18
CA VAL B 39 -21.45 -8.57 -0.24
C VAL B 39 -22.57 -7.79 0.46
N LEU B 40 -22.57 -7.83 1.79
CA LEU B 40 -23.57 -7.11 2.59
C LEU B 40 -22.88 -5.84 3.08
N TYR B 41 -23.46 -4.70 2.77
CA TYR B 41 -22.84 -3.44 3.15
C TYR B 41 -23.81 -2.31 3.37
N ALA B 42 -23.32 -1.28 4.07
CA ALA B 42 -24.09 -0.11 4.38
C ALA B 42 -23.10 0.99 4.76
N ASP B 43 -23.61 2.20 4.96
CA ASP B 43 -22.76 3.33 5.33
C ASP B 43 -21.96 3.04 6.59
N ARG B 44 -20.73 3.52 6.66
CA ARG B 44 -19.90 3.25 7.84
C ARG B 44 -20.58 3.60 9.16
N TYR B 45 -21.28 4.74 9.19
CA TYR B 45 -21.98 5.21 10.40
C TYR B 45 -23.43 4.73 10.50
N ALA B 46 -23.78 3.75 9.68
CA ALA B 46 -25.15 3.24 9.72
C ALA B 46 -25.44 2.55 11.04
N SER B 47 -26.72 2.44 11.38
CA SER B 47 -27.15 1.77 12.61
C SER B 47 -27.24 0.27 12.42
N PRO B 48 -26.99 -0.49 13.47
CA PRO B 48 -27.04 -1.95 13.43
C PRO B 48 -28.47 -2.46 13.23
N GLU B 49 -29.44 -1.73 13.77
CA GLU B 49 -30.83 -2.13 13.64
C GLU B 49 -31.28 -1.87 12.21
N GLU B 50 -30.42 -1.23 11.41
CA GLU B 50 -30.72 -0.88 10.00
C GLU B 50 -30.44 -2.01 9.02
N GLU B 51 -31.08 -1.97 7.85
CA GLU B 51 -30.88 -3.01 6.84
C GLU B 51 -29.54 -2.87 6.11
N LEU B 52 -29.08 -3.96 5.51
CA LEU B 52 -27.84 -3.99 4.76
C LEU B 52 -28.11 -4.17 3.25
N ALA B 53 -27.40 -3.40 2.42
CA ALA B 53 -27.57 -3.51 0.97
C ALA B 53 -26.92 -4.80 0.49
N HIS B 54 -27.14 -5.14 -0.77
CA HIS B 54 -26.58 -6.38 -1.31
C HIS B 54 -25.83 -6.19 -2.62
N ALA B 55 -24.83 -7.04 -2.85
CA ALA B 55 -24.06 -6.97 -4.07
C ALA B 55 -23.57 -8.36 -4.41
N LEU B 56 -24.06 -8.89 -5.53
CA LEU B 56 -23.68 -10.23 -5.96
C LEU B 56 -22.32 -10.23 -6.65
N ALA B 57 -21.30 -10.74 -5.99
CA ALA B 57 -20.01 -10.78 -6.63
C ALA B 57 -19.92 -11.98 -7.60
N GLY B 58 -19.70 -11.70 -8.87
CA GLY B 58 -19.60 -12.79 -9.81
C GLY B 58 -18.15 -13.24 -9.96
N LYS B 59 -17.95 -14.53 -10.23
CA LYS B 59 -16.60 -15.06 -10.39
C LYS B 59 -15.94 -14.27 -11.50
N ALA B 60 -15.13 -13.30 -11.11
CA ALA B 60 -14.44 -12.45 -12.07
C ALA B 60 -13.45 -13.24 -12.90
N GLY B 61 -13.15 -14.45 -12.45
CA GLY B 61 -12.19 -15.27 -13.17
C GLY B 61 -11.64 -16.35 -12.29
N SER B 62 -10.53 -16.96 -12.72
CA SER B 62 -9.91 -18.03 -11.98
C SER B 62 -8.57 -18.50 -12.57
N ASP B 63 -7.50 -18.49 -11.77
CA ASP B 63 -6.21 -18.92 -12.29
C ASP B 63 -5.87 -20.36 -11.90
N GLU B 64 -4.57 -20.67 -11.87
CA GLU B 64 -4.15 -22.03 -11.56
C GLU B 64 -4.65 -22.55 -10.23
N ARG B 65 -4.61 -21.74 -9.18
CA ARG B 65 -5.06 -22.23 -7.87
C ARG B 65 -6.24 -21.52 -7.19
N PHE B 66 -6.46 -20.25 -7.53
CA PHE B 66 -7.50 -19.47 -6.88
C PHE B 66 -8.72 -19.11 -7.71
N ASP B 67 -9.75 -18.64 -7.03
CA ASP B 67 -10.99 -18.19 -7.65
C ASP B 67 -11.04 -16.72 -7.27
N TYR B 68 -11.47 -15.88 -8.20
CA TYR B 68 -11.55 -14.46 -7.89
C TYR B 68 -12.95 -13.97 -8.13
N PHE B 69 -13.52 -13.35 -7.11
CA PHE B 69 -14.86 -12.81 -7.21
C PHE B 69 -14.75 -11.29 -7.19
N GLU B 70 -15.71 -10.64 -7.84
CA GLU B 70 -15.71 -9.19 -7.91
C GLU B 70 -17.15 -8.68 -7.73
N ALA B 71 -17.29 -7.54 -7.04
CA ALA B 71 -18.60 -6.92 -6.81
C ALA B 71 -18.43 -5.42 -6.69
N LEU B 72 -19.27 -4.67 -7.40
CA LEU B 72 -19.19 -3.21 -7.36
C LEU B 72 -20.12 -2.64 -6.28
N LEU B 73 -19.59 -1.98 -5.26
CA LEU B 73 -20.45 -1.41 -4.21
C LEU B 73 -20.87 0.05 -4.49
N GLU B 74 -22.17 0.31 -4.42
CA GLU B 74 -22.70 1.66 -4.67
C GLU B 74 -22.77 2.44 -3.34
N CYS B 75 -21.81 3.32 -3.09
CA CYS B 75 -21.81 4.10 -1.84
C CYS B 75 -22.03 5.60 -2.03
N SER B 76 -23.23 6.08 -1.71
CA SER B 76 -23.51 7.49 -1.87
C SER B 76 -22.85 8.32 -0.77
N THR B 77 -22.91 7.83 0.47
CA THR B 77 -22.32 8.53 1.60
C THR B 77 -20.81 8.51 1.53
N LYS B 78 -20.28 7.71 0.62
CA LYS B 78 -18.83 7.61 0.43
C LYS B 78 -18.10 6.96 1.59
N ARG B 79 -18.87 6.31 2.46
CA ARG B 79 -18.34 5.63 3.64
C ARG B 79 -18.92 4.22 3.66
N VAL B 80 -18.12 3.21 3.34
CA VAL B 80 -18.69 1.88 3.34
C VAL B 80 -18.06 0.85 4.29
N LYS B 81 -18.93 0.08 4.93
CA LYS B 81 -18.51 -0.97 5.85
C LYS B 81 -19.19 -2.23 5.32
N TYR B 82 -18.40 -3.21 4.88
CA TYR B 82 -18.98 -4.40 4.31
C TYR B 82 -18.58 -5.72 4.93
N VAL B 83 -19.25 -6.78 4.51
CA VAL B 83 -18.97 -8.11 4.98
C VAL B 83 -19.35 -9.10 3.87
N PHE B 84 -18.48 -10.08 3.67
CA PHE B 84 -18.72 -11.08 2.64
C PHE B 84 -19.53 -12.26 3.14
N LEU B 85 -20.25 -12.87 2.20
CA LEU B 85 -21.05 -14.05 2.43
C LEU B 85 -20.61 -15.06 1.37
N LEU B 86 -19.84 -16.05 1.82
CA LEU B 86 -19.33 -17.09 0.93
C LEU B 86 -20.23 -18.32 1.08
N THR B 87 -20.27 -19.15 0.05
CA THR B 87 -21.08 -20.37 0.02
C THR B 87 -20.34 -21.38 -0.81
N GLY B 88 -20.04 -22.54 -0.22
CA GLY B 88 -19.32 -23.59 -0.95
C GLY B 88 -20.19 -24.68 -1.54
N PRO B 89 -19.59 -25.65 -2.25
CA PRO B 89 -20.36 -26.74 -2.84
C PRO B 89 -21.49 -27.30 -1.95
N GLN B 90 -21.20 -27.57 -0.69
CA GLN B 90 -22.22 -28.11 0.21
C GLN B 90 -23.17 -27.05 0.77
N GLY B 91 -23.20 -25.88 0.16
CA GLY B 91 -24.11 -24.85 0.63
C GLY B 91 -23.87 -24.33 2.04
N GLU B 92 -22.66 -24.51 2.56
CA GLU B 92 -22.33 -24.03 3.90
C GLU B 92 -22.20 -22.50 3.86
N ALA B 93 -22.93 -21.81 4.73
CA ALA B 93 -22.92 -20.34 4.79
C ALA B 93 -21.95 -19.78 5.84
N VAL B 94 -20.90 -19.14 5.35
CA VAL B 94 -19.91 -18.57 6.23
C VAL B 94 -19.67 -17.12 5.84
N TYR B 95 -19.65 -16.21 6.81
CA TYR B 95 -19.41 -14.81 6.49
C TYR B 95 -17.94 -14.47 6.73
N PHE B 96 -17.43 -13.50 5.97
CA PHE B 96 -16.06 -13.03 6.06
C PHE B 96 -16.05 -11.55 6.30
N GLY B 97 -15.38 -11.14 7.37
CA GLY B 97 -15.31 -9.73 7.70
C GLY B 97 -13.96 -9.44 8.29
N GLU B 98 -13.70 -8.18 8.58
CA GLU B 98 -12.43 -7.80 9.15
C GLU B 98 -12.05 -8.64 10.39
N THR B 99 -13.02 -8.99 11.23
CA THR B 99 -12.71 -9.80 12.42
C THR B 99 -12.25 -11.21 12.06
N GLY B 100 -12.98 -11.84 11.16
CA GLY B 100 -12.60 -13.19 10.74
C GLY B 100 -13.75 -13.92 10.11
N PHE B 101 -13.79 -15.24 10.26
CA PHE B 101 -14.89 -16.00 9.67
C PHE B 101 -15.80 -16.56 10.73
N SER B 102 -17.10 -16.51 10.46
CA SER B 102 -18.09 -17.00 11.43
C SER B 102 -19.42 -17.29 10.76
N ALA B 103 -20.17 -18.25 11.28
CA ALA B 103 -21.46 -18.54 10.70
C ALA B 103 -22.49 -17.53 11.24
N GLU B 104 -21.97 -16.56 12.01
CA GLU B 104 -22.77 -15.48 12.58
C GLU B 104 -22.19 -14.17 12.03
N ARG B 105 -23.04 -13.40 11.35
CA ARG B 105 -22.63 -12.16 10.74
C ARG B 105 -21.91 -11.21 11.69
N SER B 106 -22.56 -10.87 12.80
CA SER B 106 -21.99 -10.00 13.79
C SER B 106 -20.61 -10.49 14.26
N LYS B 107 -20.54 -11.74 14.73
CA LYS B 107 -19.26 -12.27 15.19
C LYS B 107 -18.15 -12.19 14.15
N ALA B 108 -18.48 -11.87 12.91
CA ALA B 108 -17.46 -11.80 11.87
C ALA B 108 -16.92 -10.42 11.62
N GLY B 109 -17.24 -9.49 12.51
CA GLY B 109 -16.76 -8.14 12.34
C GLY B 109 -17.23 -7.62 10.99
N VAL B 110 -16.45 -6.73 10.39
CA VAL B 110 -16.81 -6.14 9.11
C VAL B 110 -15.69 -5.28 8.54
N PHE B 111 -15.41 -5.46 7.26
CA PHE B 111 -14.39 -4.64 6.62
C PHE B 111 -14.91 -3.21 6.52
N GLN B 112 -14.00 -2.27 6.39
CA GLN B 112 -14.37 -0.86 6.27
C GLN B 112 -13.49 -0.10 5.30
N TYR B 113 -14.11 0.79 4.54
CA TYR B 113 -13.34 1.60 3.62
C TYR B 113 -13.57 3.04 4.03
N ALA B 114 -12.64 3.51 4.85
CA ALA B 114 -12.64 4.85 5.42
C ALA B 114 -13.49 5.89 4.70
N TYR B 115 -12.92 6.53 3.69
CA TYR B 115 -13.63 7.55 2.96
C TYR B 115 -13.26 7.56 1.49
N ILE B 116 -14.19 7.85 0.60
CA ILE B 116 -13.80 7.86 -0.80
C ILE B 116 -13.46 9.24 -1.34
N HIS B 117 -12.18 9.57 -1.40
CA HIS B 117 -11.79 10.89 -1.91
C HIS B 117 -11.65 10.89 -3.43
N ARG B 118 -12.26 11.86 -4.08
CA ARG B 118 -12.19 11.95 -5.53
C ARG B 118 -10.75 12.10 -5.99
N SER B 119 -9.88 12.68 -5.18
CA SER B 119 -8.52 12.81 -5.65
C SER B 119 -7.77 11.50 -5.58
N GLU B 120 -8.41 10.48 -5.03
CA GLU B 120 -7.77 9.17 -4.92
C GLU B 120 -8.42 8.09 -5.80
N VAL B 121 -9.00 8.51 -6.92
CA VAL B 121 -9.60 7.55 -7.86
C VAL B 121 -8.65 7.42 -9.02
N PHE B 122 -7.89 6.32 -9.05
CA PHE B 122 -6.92 6.11 -10.12
C PHE B 122 -7.46 6.68 -11.44
N THR B 123 -6.84 7.76 -11.92
CA THR B 123 -7.26 8.41 -13.14
C THR B 123 -6.18 8.42 -14.20
N THR B 124 -6.51 7.94 -15.39
CA THR B 124 -5.51 7.91 -16.43
C THR B 124 -6.03 8.69 -17.61
N PRO B 125 -5.14 9.10 -18.50
CA PRO B 125 -5.61 9.87 -19.64
C PRO B 125 -6.59 9.14 -20.54
N GLU B 126 -7.62 9.85 -20.98
CA GLU B 126 -8.58 9.24 -21.87
C GLU B 126 -7.94 8.69 -23.13
N TRP B 127 -7.12 9.50 -23.79
CA TRP B 127 -6.53 9.01 -25.03
C TRP B 127 -5.72 7.75 -24.87
N ALA B 128 -5.07 7.61 -23.73
CA ALA B 128 -4.26 6.44 -23.52
C ALA B 128 -5.12 5.20 -23.32
N LYS B 129 -6.39 5.42 -23.02
CA LYS B 129 -7.33 4.33 -22.82
C LYS B 129 -7.62 3.59 -24.09
N GLU B 130 -7.14 4.08 -25.22
CA GLU B 130 -7.44 3.39 -26.47
C GLU B 130 -6.42 3.67 -27.52
N ALA B 131 -5.18 3.83 -27.07
CA ALA B 131 -4.05 4.11 -27.95
C ALA B 131 -3.34 2.85 -28.40
N VAL B 132 -2.35 3.04 -29.27
CA VAL B 132 -1.55 1.97 -29.82
C VAL B 132 -0.16 2.54 -30.05
N ILE B 133 0.75 2.24 -29.15
CA ILE B 133 2.10 2.77 -29.23
C ILE B 133 2.98 2.05 -30.25
N TYR B 134 4.06 2.73 -30.64
CA TYR B 134 4.98 2.18 -31.60
C TYR B 134 6.40 2.44 -31.16
N GLN B 135 7.07 1.40 -30.66
CA GLN B 135 8.44 1.58 -30.20
C GLN B 135 9.42 1.91 -31.31
N ILE B 136 10.15 3.02 -31.15
CA ILE B 136 11.12 3.45 -32.15
C ILE B 136 12.53 3.54 -31.59
N PHE B 137 13.43 2.72 -32.13
CA PHE B 137 14.83 2.76 -31.73
C PHE B 137 15.37 3.64 -32.84
N PRO B 138 15.36 4.96 -32.62
CA PRO B 138 15.82 5.93 -33.60
C PRO B 138 17.05 5.61 -34.44
N GLU B 139 17.92 4.73 -33.96
CA GLU B 139 19.12 4.42 -34.73
C GLU B 139 18.85 3.63 -36.01
N ARG B 140 17.91 2.69 -35.95
CA ARG B 140 17.59 1.85 -37.10
C ARG B 140 16.16 1.91 -37.63
N PHE B 141 15.57 3.11 -37.70
CA PHE B 141 14.19 3.27 -38.21
C PHE B 141 14.14 4.04 -39.53
N ALA B 142 14.66 5.26 -39.52
CA ALA B 142 14.69 6.06 -40.73
C ALA B 142 15.81 7.07 -40.64
N ASN B 143 16.61 7.16 -41.69
CA ASN B 143 17.75 8.08 -41.78
C ASN B 143 17.37 9.15 -42.80
N GLY B 144 16.79 10.25 -42.31
CA GLY B 144 16.37 11.31 -43.20
C GLY B 144 17.35 12.45 -43.34
N ASP B 145 18.32 12.50 -42.44
CA ASP B 145 19.32 13.55 -42.49
C ASP B 145 20.70 12.93 -42.33
N PRO B 146 21.42 12.73 -43.44
CA PRO B 146 22.77 12.14 -43.48
C PRO B 146 23.85 13.06 -42.93
N SER B 147 23.52 14.34 -42.73
CA SER B 147 24.47 15.30 -42.22
C SER B 147 24.89 14.98 -40.80
N ASN B 148 24.17 14.07 -40.16
CA ASN B 148 24.50 13.71 -38.80
C ASN B 148 25.11 12.30 -38.75
N ASP B 149 25.02 11.58 -39.86
CA ASP B 149 25.56 10.23 -39.96
C ASP B 149 26.98 10.09 -39.41
N PRO B 150 27.14 9.35 -38.30
CA PRO B 150 28.45 9.13 -37.67
C PRO B 150 29.37 8.38 -38.62
N PRO B 151 30.65 8.80 -38.69
CA PRO B 151 31.62 8.13 -39.57
C PRO B 151 31.65 6.61 -39.29
N GLY B 152 31.44 5.82 -40.34
CA GLY B 152 31.44 4.38 -40.16
C GLY B 152 30.08 3.75 -40.34
N THR B 153 29.13 4.55 -40.81
CA THR B 153 27.78 4.04 -41.03
C THR B 153 27.78 2.96 -42.10
N GLU B 154 26.80 2.08 -42.06
CA GLU B 154 26.66 0.98 -43.01
C GLU B 154 25.55 1.17 -44.07
N GLN B 155 25.40 0.19 -44.95
CA GLN B 155 24.39 0.27 -46.00
C GLN B 155 23.04 -0.25 -45.52
N TRP B 156 21.99 0.51 -45.79
CA TRP B 156 20.63 0.16 -45.38
C TRP B 156 20.10 -0.95 -46.29
N ALA B 157 20.42 -2.20 -45.99
CA ALA B 157 19.97 -3.34 -46.79
C ALA B 157 19.18 -4.36 -45.98
N LYS B 158 18.28 -5.07 -46.67
CA LYS B 158 17.41 -6.10 -46.07
C LYS B 158 18.18 -7.22 -45.36
N ASP B 159 19.43 -7.39 -45.80
CA ASP B 159 20.34 -8.40 -45.29
C ASP B 159 21.31 -7.87 -44.23
N ALA B 160 21.21 -6.60 -43.89
CA ALA B 160 22.12 -6.05 -42.88
C ALA B 160 22.04 -6.82 -41.56
N ARG B 161 23.13 -7.49 -41.18
CA ARG B 161 23.16 -8.23 -39.91
C ARG B 161 23.97 -7.44 -38.88
N PRO B 162 23.30 -6.53 -38.15
CA PRO B 162 23.86 -5.66 -37.14
C PRO B 162 24.78 -6.35 -36.17
N ARG B 163 25.68 -5.55 -35.61
CA ARG B 163 26.62 -6.04 -34.62
C ARG B 163 26.48 -5.21 -33.36
N HIS B 164 27.03 -5.72 -32.25
CA HIS B 164 26.96 -5.07 -30.95
C HIS B 164 27.34 -3.59 -30.94
N ASP B 165 27.92 -3.10 -32.03
CA ASP B 165 28.35 -1.71 -32.07
C ASP B 165 28.21 -1.11 -33.46
N SER B 166 27.36 -1.70 -34.28
CA SER B 166 27.16 -1.22 -35.63
C SER B 166 26.56 0.20 -35.66
N PHE B 167 26.39 0.75 -36.86
CA PHE B 167 25.83 2.08 -37.03
C PHE B 167 25.00 2.13 -38.30
N TYR B 168 23.95 2.92 -38.31
CA TYR B 168 23.08 3.02 -39.48
C TYR B 168 22.63 4.44 -39.77
N GLY B 169 23.01 5.36 -38.90
CA GLY B 169 22.68 6.77 -39.08
C GLY B 169 21.24 7.23 -38.87
N GLY B 170 20.37 6.31 -38.45
CA GLY B 170 18.98 6.64 -38.22
C GLY B 170 18.86 7.84 -37.29
N ASP B 171 17.93 8.74 -37.60
CA ASP B 171 17.76 9.94 -36.80
C ASP B 171 16.32 10.41 -36.85
N LEU B 172 16.04 11.47 -36.10
CA LEU B 172 14.70 12.04 -36.02
C LEU B 172 14.11 12.50 -37.34
N LYS B 173 14.85 13.30 -38.11
CA LYS B 173 14.32 13.76 -39.39
C LYS B 173 13.69 12.59 -40.15
N GLY B 174 14.20 11.37 -39.90
CA GLY B 174 13.65 10.20 -40.56
C GLY B 174 12.28 9.84 -40.04
N VAL B 175 12.10 10.01 -38.74
CA VAL B 175 10.83 9.74 -38.08
C VAL B 175 9.78 10.70 -38.64
N ILE B 176 10.21 11.91 -38.96
CA ILE B 176 9.29 12.87 -39.50
C ILE B 176 8.86 12.48 -40.91
N ASP B 177 9.84 12.27 -41.77
CA ASP B 177 9.58 11.89 -43.17
C ASP B 177 8.69 10.68 -43.28
N ARG B 178 8.92 9.73 -42.38
CA ARG B 178 8.16 8.49 -42.39
C ARG B 178 6.86 8.49 -41.60
N LEU B 179 6.45 9.63 -41.06
CA LEU B 179 5.20 9.71 -40.31
C LEU B 179 3.97 9.23 -41.09
N PRO B 180 3.86 9.60 -42.39
CA PRO B 180 2.73 9.19 -43.23
C PRO B 180 2.55 7.68 -43.23
N TYR B 181 3.62 7.00 -42.86
CA TYR B 181 3.65 5.56 -42.78
C TYR B 181 2.90 5.15 -41.51
N LEU B 182 3.33 5.69 -40.38
CA LEU B 182 2.70 5.38 -39.11
C LEU B 182 1.22 5.74 -39.17
N GLU B 183 0.92 6.98 -39.52
CA GLU B 183 -0.46 7.40 -39.61
C GLU B 183 -1.29 6.36 -40.33
N GLU B 184 -0.77 5.91 -41.46
CA GLU B 184 -1.48 4.93 -42.26
C GLU B 184 -1.73 3.66 -41.43
N LEU B 185 -0.68 3.23 -40.73
CA LEU B 185 -0.76 2.04 -39.89
C LEU B 185 -1.92 2.21 -38.92
N GLY B 186 -1.99 3.38 -38.31
CA GLY B 186 -3.06 3.64 -37.38
C GLY B 186 -2.62 3.91 -35.97
N VAL B 187 -1.30 3.88 -35.73
CA VAL B 187 -0.77 4.14 -34.39
C VAL B 187 -1.29 5.46 -33.85
N THR B 188 -1.17 5.65 -32.55
CA THR B 188 -1.65 6.86 -31.92
C THR B 188 -0.63 7.55 -31.03
N ALA B 189 0.55 6.94 -30.89
CA ALA B 189 1.63 7.52 -30.09
C ALA B 189 2.90 6.75 -30.37
N LEU B 190 4.02 7.43 -30.33
CA LEU B 190 5.29 6.77 -30.60
C LEU B 190 6.08 6.78 -29.31
N TYR B 191 6.79 5.69 -29.06
CA TYR B 191 7.61 5.56 -27.87
C TYR B 191 9.07 5.43 -28.31
N PHE B 192 9.88 6.42 -27.98
CA PHE B 192 11.29 6.37 -28.35
C PHE B 192 12.11 5.87 -27.19
N THR B 193 13.31 5.38 -27.49
CA THR B 193 14.17 4.93 -26.42
C THR B 193 14.97 6.17 -26.11
N PRO B 194 15.93 6.08 -25.18
CA PRO B 194 16.75 7.24 -24.83
C PRO B 194 17.22 8.04 -26.06
N ILE B 195 16.87 9.32 -26.13
CA ILE B 195 17.31 10.14 -27.26
C ILE B 195 17.98 11.40 -26.79
N PHE B 196 18.44 11.39 -25.55
CA PHE B 196 19.11 12.52 -24.93
C PHE B 196 20.60 12.42 -25.21
N ALA B 197 21.29 13.55 -25.28
CA ALA B 197 22.73 13.51 -25.59
C ALA B 197 23.49 12.52 -24.69
N SER B 198 24.12 11.53 -25.32
CA SER B 198 24.88 10.50 -24.62
C SER B 198 26.01 9.92 -25.45
N PRO B 199 27.11 9.55 -24.80
CA PRO B 199 28.26 8.98 -25.51
C PRO B 199 28.23 7.45 -25.53
N SER B 200 27.30 6.87 -26.27
CA SER B 200 27.20 5.42 -26.34
C SER B 200 26.23 4.99 -27.42
N HIS B 201 26.15 3.67 -27.68
CA HIS B 201 25.25 3.13 -28.70
C HIS B 201 23.83 2.87 -28.18
N HIS B 202 23.66 2.91 -26.86
CA HIS B 202 22.34 2.68 -26.25
C HIS B 202 21.83 3.96 -25.64
N LYS B 203 22.75 4.86 -25.32
CA LYS B 203 22.40 6.13 -24.74
C LYS B 203 21.65 5.97 -23.42
N TYR B 204 22.04 4.97 -22.64
CA TYR B 204 21.38 4.76 -21.35
C TYR B 204 22.17 5.48 -20.25
N ASP B 205 23.26 6.11 -20.64
CA ASP B 205 24.11 6.86 -19.73
C ASP B 205 24.07 8.33 -20.11
N THR B 206 22.87 8.91 -20.02
CA THR B 206 22.63 10.30 -20.36
C THR B 206 23.73 11.24 -19.92
N ALA B 207 24.04 12.18 -20.81
CA ALA B 207 25.07 13.18 -20.58
C ALA B 207 24.47 14.57 -20.34
N ASP B 208 23.43 14.91 -21.09
CA ASP B 208 22.74 16.19 -20.95
C ASP B 208 21.23 16.02 -21.15
N TYR B 209 20.50 15.96 -20.03
CA TYR B 209 19.05 15.81 -20.05
C TYR B 209 18.40 17.07 -20.56
N LEU B 210 19.12 17.84 -21.36
CA LEU B 210 18.58 19.09 -21.87
C LEU B 210 18.72 19.27 -23.39
N ALA B 211 19.14 18.23 -24.09
CA ALA B 211 19.29 18.33 -25.53
C ALA B 211 19.41 17.01 -26.26
N ILE B 212 18.86 16.98 -27.47
CA ILE B 212 18.91 15.78 -28.28
C ILE B 212 20.37 15.46 -28.60
N ASP B 213 20.65 14.19 -28.81
CA ASP B 213 22.00 13.77 -29.15
C ASP B 213 22.29 14.32 -30.53
N PRO B 214 23.51 14.81 -30.74
CA PRO B 214 23.95 15.37 -32.01
C PRO B 214 23.59 14.53 -33.24
N GLN B 215 23.72 13.21 -33.12
CA GLN B 215 23.45 12.32 -34.26
C GLN B 215 21.99 12.06 -34.59
N PHE B 216 21.09 12.46 -33.68
CA PHE B 216 19.66 12.27 -33.90
C PHE B 216 18.99 13.56 -34.39
N GLY B 217 19.37 14.67 -33.77
CA GLY B 217 18.79 15.95 -34.14
C GLY B 217 19.08 17.13 -33.22
N ASP B 218 18.06 17.96 -32.98
CA ASP B 218 18.18 19.14 -32.12
C ASP B 218 16.79 19.60 -31.73
N LEU B 219 16.72 20.58 -30.83
CA LEU B 219 15.44 21.10 -30.38
C LEU B 219 14.48 21.39 -31.52
N PRO B 220 14.89 22.25 -32.47
CA PRO B 220 14.00 22.57 -33.59
C PRO B 220 13.44 21.31 -34.24
N THR B 221 14.35 20.40 -34.56
CA THR B 221 14.00 19.16 -35.20
C THR B 221 13.02 18.36 -34.35
N PHE B 222 13.23 18.41 -33.05
CA PHE B 222 12.37 17.67 -32.13
C PHE B 222 10.96 18.22 -32.17
N ARG B 223 10.84 19.52 -31.96
CA ARG B 223 9.54 20.19 -31.96
C ARG B 223 8.79 19.82 -33.23
N ARG B 224 9.44 20.05 -34.37
CA ARG B 224 8.85 19.74 -35.65
C ARG B 224 8.20 18.36 -35.63
N LEU B 225 8.92 17.39 -35.07
CA LEU B 225 8.42 16.00 -34.97
C LEU B 225 7.16 15.96 -34.12
N VAL B 226 7.15 16.76 -33.06
CA VAL B 226 6.02 16.82 -32.15
C VAL B 226 4.79 17.41 -32.82
N ASP B 227 4.95 18.59 -33.40
CA ASP B 227 3.82 19.23 -34.06
C ASP B 227 3.32 18.42 -35.22
N GLU B 228 4.25 17.86 -35.98
CA GLU B 228 3.91 17.07 -37.14
C GLU B 228 3.16 15.82 -36.77
N ALA B 229 3.59 15.18 -35.69
CA ALA B 229 2.96 13.95 -35.25
C ALA B 229 1.60 14.30 -34.70
N HIS B 230 1.58 15.35 -33.89
CA HIS B 230 0.34 15.79 -33.29
C HIS B 230 -0.74 16.03 -34.34
N ARG B 231 -0.40 16.78 -35.40
CA ARG B 231 -1.38 17.03 -36.43
C ARG B 231 -1.61 15.79 -37.25
N ARG B 232 -1.44 14.63 -36.63
CA ARG B 232 -1.66 13.38 -37.31
C ARG B 232 -2.27 12.40 -36.32
N GLY B 233 -2.60 12.91 -35.13
CA GLY B 233 -3.21 12.08 -34.11
C GLY B 233 -2.26 11.18 -33.33
N ILE B 234 -0.96 11.38 -33.54
CA ILE B 234 0.09 10.61 -32.87
C ILE B 234 0.71 11.39 -31.72
N LYS B 235 0.90 10.76 -30.57
CA LYS B 235 1.50 11.45 -29.45
C LYS B 235 2.96 11.03 -29.24
N ILE B 236 3.67 11.82 -28.44
CA ILE B 236 5.06 11.56 -28.19
C ILE B 236 5.32 11.15 -26.74
N ILE B 237 5.95 10.00 -26.58
CA ILE B 237 6.29 9.49 -25.26
C ILE B 237 7.78 9.30 -25.21
N LEU B 238 8.47 10.13 -24.44
CA LEU B 238 9.90 10.02 -24.34
C LEU B 238 10.28 9.07 -23.23
N ASP B 239 11.48 8.53 -23.34
CA ASP B 239 12.02 7.60 -22.35
C ASP B 239 13.18 8.31 -21.64
N ALA B 240 12.99 8.62 -20.36
CA ALA B 240 14.03 9.28 -19.58
C ALA B 240 14.46 8.40 -18.43
N VAL B 241 15.74 8.49 -18.08
CA VAL B 241 16.25 7.72 -16.97
C VAL B 241 16.51 8.64 -15.82
N PHE B 242 15.84 8.37 -14.71
CA PHE B 242 16.00 9.18 -13.54
C PHE B 242 16.66 8.45 -12.39
N ASN B 243 16.89 7.16 -12.54
CA ASN B 243 17.53 6.38 -11.48
C ASN B 243 19.00 6.70 -11.36
N HIS B 244 19.66 6.77 -12.53
CA HIS B 244 21.09 7.05 -12.61
C HIS B 244 21.41 8.03 -13.72
N ALA B 245 22.67 8.45 -13.77
CA ALA B 245 23.16 9.39 -14.77
C ALA B 245 24.27 8.74 -15.59
N GLY B 246 24.82 9.48 -16.54
CA GLY B 246 25.93 8.99 -17.34
C GLY B 246 27.20 9.39 -16.61
N ASP B 247 28.36 8.88 -17.02
CA ASP B 247 29.60 9.24 -16.32
C ASP B 247 30.11 10.63 -16.71
N GLN B 248 29.51 11.19 -17.76
CA GLN B 248 29.86 12.51 -18.28
C GLN B 248 28.89 13.60 -17.88
N PHE B 249 27.94 13.26 -17.02
CA PHE B 249 26.93 14.21 -16.55
C PHE B 249 27.63 15.39 -15.88
N PHE B 250 27.19 16.59 -16.27
CA PHE B 250 27.78 17.81 -15.74
C PHE B 250 28.07 17.77 -14.23
N ALA B 251 27.22 17.11 -13.46
CA ALA B 251 27.43 17.03 -12.02
C ALA B 251 28.43 15.97 -11.62
N PHE B 252 28.29 14.77 -12.18
CA PHE B 252 29.20 13.70 -11.81
C PHE B 252 30.63 14.07 -12.15
N ARG B 253 30.80 14.86 -13.21
CA ARG B 253 32.13 15.31 -13.65
C ARG B 253 32.77 16.02 -12.47
N ASP B 254 32.09 17.05 -11.98
CA ASP B 254 32.58 17.81 -10.84
C ASP B 254 33.04 16.91 -9.70
N VAL B 255 32.32 15.82 -9.50
CA VAL B 255 32.63 14.87 -8.44
C VAL B 255 33.88 14.02 -8.72
N LEU B 256 33.94 13.46 -9.92
CA LEU B 256 35.08 12.64 -10.29
C LEU B 256 36.30 13.53 -10.50
N GLN B 257 36.13 14.83 -10.30
CA GLN B 257 37.24 15.77 -10.47
C GLN B 257 37.46 16.73 -9.25
N LYS B 258 36.71 16.50 -8.16
CA LYS B 258 36.84 17.28 -6.93
C LYS B 258 36.39 16.48 -5.71
N GLY B 259 36.90 15.25 -5.60
CA GLY B 259 36.58 14.35 -4.48
C GLY B 259 35.41 14.80 -3.64
N GLU B 260 35.62 14.99 -2.35
CA GLU B 260 34.55 15.44 -1.48
C GLU B 260 34.44 16.96 -1.52
N GLN B 261 35.28 17.58 -2.35
CA GLN B 261 35.28 19.03 -2.50
C GLN B 261 34.19 19.44 -3.49
N SER B 262 33.51 18.42 -4.03
CA SER B 262 32.43 18.60 -5.00
C SER B 262 31.14 19.10 -4.40
N ARG B 263 30.60 20.15 -4.99
CA ARG B 263 29.36 20.73 -4.53
C ARG B 263 28.20 19.83 -4.98
N TYR B 264 28.56 18.67 -5.53
CA TYR B 264 27.58 17.68 -6.00
C TYR B 264 27.85 16.28 -5.44
N LYS B 265 28.65 16.19 -4.38
CA LYS B 265 29.00 14.89 -3.77
C LYS B 265 27.82 14.13 -3.14
N ASP B 266 26.78 14.85 -2.75
CA ASP B 266 25.59 14.23 -2.16
C ASP B 266 24.54 14.01 -3.25
N TRP B 267 24.97 14.05 -4.51
CA TRP B 267 24.07 13.84 -5.64
C TRP B 267 24.20 12.40 -6.09
N PHE B 268 25.15 11.70 -5.47
CA PHE B 268 25.41 10.30 -5.79
C PHE B 268 25.62 9.49 -4.52
N PHE B 269 25.85 8.19 -4.70
CA PHE B 269 26.08 7.26 -3.58
C PHE B 269 27.57 6.90 -3.57
N ILE B 270 28.37 7.75 -2.93
CA ILE B 270 29.81 7.55 -2.84
C ILE B 270 30.25 7.16 -1.44
N GLU B 271 31.05 6.10 -1.35
CA GLU B 271 31.55 5.61 -0.07
C GLU B 271 32.90 6.24 0.33
N ASP B 272 33.83 6.30 -0.62
CA ASP B 272 35.15 6.90 -0.39
C ASP B 272 35.82 7.37 -1.70
N PHE B 273 37.11 7.67 -1.62
CA PHE B 273 37.95 8.15 -2.75
C PHE B 273 39.24 7.28 -2.80
N PRO B 274 40.06 7.39 -3.88
CA PRO B 274 39.87 8.23 -5.08
C PRO B 274 38.54 7.99 -5.79
N VAL B 275 37.96 9.06 -6.31
CA VAL B 275 36.68 9.01 -7.01
C VAL B 275 36.42 7.78 -7.92
N SER B 276 37.44 7.32 -8.65
CA SER B 276 37.28 6.17 -9.57
C SER B 276 38.54 5.65 -10.26
N LYS B 277 38.30 4.60 -11.06
CA LYS B 277 39.31 3.91 -11.88
C LYS B 277 38.60 2.83 -12.72
N THR B 278 39.26 2.31 -13.75
CA THR B 278 38.69 1.26 -14.59
C THR B 278 38.61 -0.06 -13.83
N SER B 279 37.40 -0.63 -13.71
CA SER B 279 37.21 -1.90 -13.00
C SER B 279 37.02 -1.69 -11.49
N ARG B 280 36.87 -0.43 -11.11
CA ARG B 280 36.71 -0.03 -9.70
C ARG B 280 35.58 1.00 -9.55
N THR B 281 34.80 0.85 -8.48
CA THR B 281 33.70 1.77 -8.26
C THR B 281 33.79 2.18 -6.81
N ASN B 282 33.76 3.49 -6.59
CA ASN B 282 33.84 4.03 -5.24
C ASN B 282 32.47 4.64 -5.06
N TYR B 283 31.60 4.31 -5.99
CA TYR B 283 30.25 4.81 -6.00
C TYR B 283 29.34 3.78 -6.60
N GLU B 284 28.08 3.88 -6.20
CA GLU B 284 27.07 2.96 -6.66
C GLU B 284 26.58 3.32 -8.05
N THR B 285 26.34 2.28 -8.83
CA THR B 285 25.85 2.44 -10.20
C THR B 285 24.75 1.40 -10.44
N PHE B 286 24.10 1.56 -11.58
CA PHE B 286 23.04 0.64 -11.97
C PHE B 286 23.64 -0.76 -12.03
N ALA B 287 22.97 -1.74 -11.42
CA ALA B 287 23.49 -3.10 -11.41
C ALA B 287 24.88 -3.11 -10.75
N VAL B 288 25.69 -4.10 -11.10
CA VAL B 288 27.03 -4.25 -10.55
C VAL B 288 28.11 -3.87 -11.56
N GLN B 289 29.17 -3.22 -11.06
CA GLN B 289 30.31 -2.80 -11.90
C GLN B 289 29.95 -2.19 -13.26
N VAL B 290 29.33 -1.01 -13.23
CA VAL B 290 28.92 -0.29 -14.45
C VAL B 290 29.18 1.20 -14.22
N PRO B 291 30.47 1.60 -14.20
CA PRO B 291 30.95 2.97 -13.98
C PRO B 291 30.23 4.05 -14.77
N ALA B 292 29.81 3.68 -15.98
CA ALA B 292 29.11 4.58 -16.88
C ALA B 292 27.78 5.07 -16.31
N MET B 293 27.15 4.22 -15.51
CA MET B 293 25.85 4.59 -14.94
C MET B 293 25.82 4.84 -13.44
N PRO B 294 26.22 6.06 -13.00
CA PRO B 294 26.25 6.48 -11.60
C PRO B 294 24.88 6.85 -11.02
N LYS B 295 24.38 5.97 -10.16
CA LYS B 295 23.08 6.18 -9.53
C LYS B 295 22.89 7.58 -8.97
N LEU B 296 21.73 8.13 -9.25
CA LEU B 296 21.36 9.44 -8.76
C LEU B 296 20.63 9.26 -7.46
N ARG B 297 20.91 10.14 -6.51
CA ARG B 297 20.29 10.11 -5.19
C ARG B 297 18.97 10.91 -5.25
N THR B 298 17.93 10.27 -5.77
CA THR B 298 16.60 10.87 -5.91
C THR B 298 16.00 11.36 -4.60
N GLU B 299 16.64 10.99 -3.50
CA GLU B 299 16.18 11.38 -2.18
C GLU B 299 16.64 12.79 -1.87
N ASN B 300 17.68 13.24 -2.56
CA ASN B 300 18.22 14.58 -2.36
C ASN B 300 17.25 15.58 -2.97
N PRO B 301 16.81 16.59 -2.19
CA PRO B 301 15.88 17.58 -2.72
C PRO B 301 16.39 18.35 -3.93
N GLU B 302 17.70 18.45 -4.07
CA GLU B 302 18.27 19.15 -5.21
C GLU B 302 18.27 18.27 -6.45
N VAL B 303 18.76 17.05 -6.28
CA VAL B 303 18.82 16.09 -7.37
C VAL B 303 17.43 15.91 -7.95
N LYS B 304 16.42 16.02 -7.09
CA LYS B 304 15.01 15.85 -7.46
C LYS B 304 14.52 17.04 -8.27
N GLU B 305 14.80 18.22 -7.75
CA GLU B 305 14.41 19.44 -8.42
C GLU B 305 14.92 19.43 -9.87
N TYR B 306 16.22 19.18 -10.05
CA TYR B 306 16.82 19.16 -11.39
C TYR B 306 16.01 18.27 -12.32
N LEU B 307 15.88 17.01 -11.94
CA LEU B 307 15.13 16.05 -12.74
C LEU B 307 13.80 16.66 -13.10
N PHE B 308 13.12 17.24 -12.12
CA PHE B 308 11.85 17.87 -12.40
C PHE B 308 12.01 18.95 -13.46
N ASP B 309 13.09 19.73 -13.36
CA ASP B 309 13.36 20.80 -14.34
C ASP B 309 13.50 20.18 -15.74
N VAL B 310 14.17 19.04 -15.80
CA VAL B 310 14.33 18.33 -17.04
C VAL B 310 12.94 17.99 -17.57
N ALA B 311 12.08 17.48 -16.69
CA ALA B 311 10.72 17.12 -17.06
C ALA B 311 10.04 18.31 -17.71
N ARG B 312 9.87 19.35 -16.88
CA ARG B 312 9.25 20.60 -17.30
C ARG B 312 9.59 21.05 -18.71
N PHE B 313 10.88 21.07 -19.01
CA PHE B 313 11.37 21.51 -20.30
C PHE B 313 10.81 20.69 -21.45
N TRP B 314 11.05 19.38 -21.39
CA TRP B 314 10.60 18.48 -22.43
C TRP B 314 9.08 18.44 -22.50
N MET B 315 8.43 18.80 -21.40
CA MET B 315 6.99 18.78 -21.41
C MET B 315 6.48 20.03 -22.08
N GLU B 316 7.33 21.06 -22.08
CA GLU B 316 6.96 22.32 -22.72
C GLU B 316 7.25 22.19 -24.22
N GLN B 317 8.14 21.28 -24.58
CA GLN B 317 8.45 21.06 -25.98
C GLN B 317 7.21 20.41 -26.59
N GLY B 318 6.34 19.90 -25.72
CA GLY B 318 5.10 19.28 -26.18
C GLY B 318 4.98 17.77 -26.12
N ILE B 319 5.74 17.11 -25.25
CA ILE B 319 5.63 15.65 -25.15
C ILE B 319 4.35 15.26 -24.42
N ASP B 320 3.98 13.97 -24.47
CA ASP B 320 2.75 13.54 -23.83
C ASP B 320 2.90 12.41 -22.83
N GLY B 321 4.08 11.82 -22.77
CA GLY B 321 4.28 10.71 -21.85
C GLY B 321 5.73 10.38 -21.55
N TRP B 322 5.94 9.57 -20.51
CA TRP B 322 7.28 9.18 -20.12
C TRP B 322 7.34 7.66 -19.91
N ARG B 323 8.46 7.06 -20.29
CA ARG B 323 8.69 5.63 -20.12
C ARG B 323 9.94 5.62 -19.24
N LEU B 324 9.83 5.14 -18.01
CA LEU B 324 10.96 5.17 -17.08
C LEU B 324 11.66 3.86 -16.74
N ASP B 325 12.93 3.75 -17.13
CA ASP B 325 13.70 2.54 -16.87
C ASP B 325 14.14 2.47 -15.41
N VAL B 326 14.19 1.26 -14.87
CA VAL B 326 14.62 1.06 -13.49
C VAL B 326 13.83 2.00 -12.61
N ALA B 327 12.54 2.08 -12.85
CA ALA B 327 11.72 2.99 -12.05
C ALA B 327 11.57 2.50 -10.62
N ASN B 328 11.77 1.21 -10.40
CA ASN B 328 11.61 0.65 -9.07
C ASN B 328 12.76 0.93 -8.13
N GLU B 329 13.87 1.41 -8.67
CA GLU B 329 15.03 1.69 -7.84
C GLU B 329 15.11 3.14 -7.46
N VAL B 330 13.94 3.79 -7.38
CA VAL B 330 13.87 5.20 -7.02
C VAL B 330 12.68 5.36 -6.10
N ASP B 331 12.92 6.02 -4.97
CA ASP B 331 11.90 6.24 -3.95
C ASP B 331 10.50 6.68 -4.42
N HIS B 332 9.49 6.19 -3.70
CA HIS B 332 8.10 6.49 -3.98
C HIS B 332 7.77 7.97 -3.95
N ALA B 333 8.16 8.63 -2.87
CA ALA B 333 7.95 10.06 -2.69
C ALA B 333 8.32 10.84 -3.96
N PHE B 334 9.30 10.32 -4.70
CA PHE B 334 9.76 10.98 -5.92
C PHE B 334 8.69 10.90 -6.98
N TRP B 335 8.27 9.68 -7.25
CA TRP B 335 7.25 9.41 -8.24
C TRP B 335 5.92 10.06 -7.93
N ARG B 336 5.55 10.02 -6.65
CA ARG B 336 4.30 10.60 -6.21
C ARG B 336 4.30 12.06 -6.61
N GLU B 337 5.40 12.71 -6.28
CA GLU B 337 5.59 14.11 -6.57
C GLU B 337 5.76 14.35 -8.08
N PHE B 338 6.47 13.44 -8.76
CA PHE B 338 6.69 13.58 -10.20
C PHE B 338 5.35 13.52 -10.95
N ARG B 339 4.48 12.63 -10.50
CA ARG B 339 3.17 12.46 -11.08
C ARG B 339 2.39 13.74 -10.94
N ARG B 340 2.36 14.26 -9.71
CA ARG B 340 1.66 15.48 -9.39
C ARG B 340 2.12 16.63 -10.27
N LEU B 341 3.43 16.72 -10.50
CA LEU B 341 3.95 17.80 -11.32
C LEU B 341 3.39 17.67 -12.72
N VAL B 342 3.86 16.62 -13.38
CA VAL B 342 3.47 16.30 -14.73
C VAL B 342 1.98 16.52 -14.98
N LYS B 343 1.16 15.93 -14.13
CA LYS B 343 -0.27 16.05 -14.26
C LYS B 343 -0.73 17.49 -14.23
N SER B 344 0.05 18.36 -13.62
CA SER B 344 -0.33 19.78 -13.55
C SER B 344 -0.03 20.52 -14.84
N LEU B 345 0.98 20.07 -15.57
CA LEU B 345 1.31 20.70 -16.83
C LEU B 345 0.41 20.14 -17.91
N ASN B 346 0.17 18.83 -17.86
CA ASN B 346 -0.67 18.18 -18.85
C ASN B 346 -1.47 17.05 -18.25
N PRO B 347 -2.76 17.29 -17.98
CA PRO B 347 -3.63 16.27 -17.38
C PRO B 347 -3.70 14.98 -18.18
N ASP B 348 -3.24 15.04 -19.42
CA ASP B 348 -3.26 13.89 -20.30
C ASP B 348 -1.86 13.39 -20.59
N ALA B 349 -0.93 13.62 -19.67
CA ALA B 349 0.43 13.13 -19.85
C ALA B 349 0.48 11.69 -19.33
N LEU B 350 0.93 10.74 -20.15
CA LEU B 350 1.01 9.37 -19.70
C LEU B 350 2.31 9.08 -18.98
N ILE B 351 2.26 8.33 -17.88
CA ILE B 351 3.46 7.98 -17.12
C ILE B 351 3.56 6.46 -16.91
N VAL B 352 4.47 5.83 -17.68
CA VAL B 352 4.70 4.39 -17.66
C VAL B 352 6.09 3.94 -17.24
N GLY B 353 6.18 3.18 -16.15
CA GLY B 353 7.47 2.68 -15.68
C GLY B 353 7.82 1.26 -16.13
N GLU B 354 9.06 0.86 -15.89
CA GLU B 354 9.50 -0.48 -16.25
C GLU B 354 9.91 -1.26 -15.02
N ILE B 355 9.05 -2.21 -14.61
CA ILE B 355 9.32 -3.05 -13.45
C ILE B 355 9.13 -4.50 -13.76
N TRP B 356 10.21 -5.25 -13.67
CA TRP B 356 10.19 -6.65 -13.97
C TRP B 356 9.72 -7.55 -12.83
N HIS B 357 8.74 -7.09 -12.08
CA HIS B 357 8.18 -7.87 -10.99
C HIS B 357 6.94 -7.16 -10.46
N ASP B 358 6.11 -7.87 -9.71
CA ASP B 358 4.90 -7.27 -9.20
C ASP B 358 5.10 -5.78 -8.96
N ALA B 359 4.31 -4.95 -9.66
CA ALA B 359 4.43 -3.48 -9.51
C ALA B 359 3.23 -2.82 -8.83
N SER B 360 2.64 -3.49 -7.85
CA SER B 360 1.49 -2.93 -7.18
C SER B 360 1.79 -1.64 -6.42
N GLY B 361 2.92 -1.59 -5.71
CA GLY B 361 3.25 -0.39 -4.96
C GLY B 361 3.46 0.84 -5.80
N TRP B 362 3.37 0.69 -7.11
CA TRP B 362 3.57 1.80 -8.04
C TRP B 362 2.32 2.03 -8.86
N LEU B 363 1.34 1.14 -8.67
CA LEU B 363 0.10 1.24 -9.43
C LEU B 363 -1.17 1.41 -8.59
N MET B 364 -1.00 2.07 -7.45
CA MET B 364 -2.07 2.38 -6.52
C MET B 364 -2.86 3.60 -7.02
N GLY B 365 -2.26 4.40 -7.90
CA GLY B 365 -2.97 5.55 -8.41
C GLY B 365 -2.35 6.93 -8.18
N ASP B 366 -1.42 7.01 -7.23
CA ASP B 366 -0.73 8.25 -6.89
C ASP B 366 0.62 8.33 -7.59
N GLN B 367 1.01 7.30 -8.33
CA GLN B 367 2.29 7.28 -9.04
C GLN B 367 2.29 7.05 -10.56
N PHE B 368 2.40 5.81 -10.99
CA PHE B 368 2.41 5.53 -12.43
C PHE B 368 0.99 5.19 -12.88
N ASP B 369 0.74 5.36 -14.18
CA ASP B 369 -0.54 5.05 -14.82
C ASP B 369 -0.56 3.58 -15.20
N SER B 370 0.63 3.07 -15.50
CA SER B 370 0.86 1.68 -15.92
C SER B 370 2.36 1.31 -15.93
N VAL B 371 2.63 0.06 -16.32
CA VAL B 371 3.97 -0.48 -16.45
C VAL B 371 4.01 -1.34 -17.71
N MET B 372 5.18 -1.89 -18.03
CA MET B 372 5.30 -2.74 -19.19
C MET B 372 4.78 -4.12 -18.77
N ASN B 373 3.69 -4.59 -19.41
CA ASN B 373 3.08 -5.90 -19.08
C ASN B 373 3.96 -7.10 -19.49
N TYR B 374 5.10 -7.23 -18.80
CA TYR B 374 6.02 -8.31 -19.09
C TYR B 374 5.37 -9.66 -18.83
N LEU B 375 4.33 -9.67 -18.00
CA LEU B 375 3.63 -10.91 -17.71
C LEU B 375 2.92 -11.38 -18.97
N PHE B 376 2.38 -10.40 -19.70
CA PHE B 376 1.68 -10.65 -20.96
C PHE B 376 2.64 -11.31 -21.98
N ARG B 377 3.78 -10.67 -22.23
CA ARG B 377 4.73 -11.22 -23.19
C ARG B 377 5.07 -12.67 -22.91
N GLU B 378 5.51 -12.97 -21.69
CA GLU B 378 5.84 -14.33 -21.32
C GLU B 378 4.69 -15.28 -21.60
N SER B 379 3.47 -14.92 -21.23
CA SER B 379 2.34 -15.82 -21.47
C SER B 379 2.08 -16.01 -22.96
N VAL B 380 2.34 -14.96 -23.73
CA VAL B 380 2.15 -14.98 -25.18
C VAL B 380 3.29 -15.69 -25.88
N ILE B 381 4.51 -15.38 -25.43
CA ILE B 381 5.74 -15.93 -25.99
C ILE B 381 5.84 -17.45 -25.77
N ARG B 382 4.89 -18.02 -25.03
CA ARG B 382 4.91 -19.45 -24.77
C ARG B 382 3.69 -20.16 -25.37
N PHE B 383 2.58 -19.44 -25.49
CA PHE B 383 1.36 -20.04 -26.01
C PHE B 383 1.31 -20.12 -27.53
N PHE B 384 1.75 -19.06 -28.19
CA PHE B 384 1.73 -19.03 -29.65
C PHE B 384 3.10 -19.27 -30.25
N ALA B 385 4.17 -18.94 -29.52
CA ALA B 385 5.49 -19.11 -30.08
C ALA B 385 6.15 -20.49 -29.92
N THR B 386 6.36 -20.92 -28.68
CA THR B 386 7.02 -22.19 -28.43
C THR B 386 6.06 -23.34 -28.19
N GLY B 387 4.92 -23.04 -27.59
CA GLY B 387 3.95 -24.08 -27.31
C GLY B 387 4.29 -24.86 -26.04
N GLU B 388 5.07 -24.23 -25.17
CA GLU B 388 5.49 -24.82 -23.90
C GLU B 388 4.29 -25.06 -23.00
N ILE B 389 3.30 -24.18 -23.09
CA ILE B 389 2.08 -24.25 -22.28
C ILE B 389 0.82 -24.35 -23.13
N HIS B 390 -0.20 -25.00 -22.57
CA HIS B 390 -1.47 -25.19 -23.27
C HIS B 390 -2.46 -24.09 -22.92
N ALA B 391 -3.63 -24.12 -23.55
CA ALA B 391 -4.64 -23.10 -23.33
C ALA B 391 -5.00 -22.89 -21.86
N GLU B 392 -5.26 -23.98 -21.14
CA GLU B 392 -5.62 -23.89 -19.72
C GLU B 392 -4.62 -22.99 -19.01
N ARG B 393 -3.35 -23.36 -19.10
CA ARG B 393 -2.27 -22.62 -18.49
C ARG B 393 -2.33 -21.17 -18.92
N PHE B 394 -2.43 -20.95 -20.23
CA PHE B 394 -2.49 -19.60 -20.75
C PHE B 394 -3.58 -18.84 -20.00
N ASP B 395 -4.81 -19.35 -20.09
CA ASP B 395 -5.94 -18.71 -19.44
C ASP B 395 -5.58 -18.25 -18.04
N ALA B 396 -4.97 -19.16 -17.29
CA ALA B 396 -4.55 -18.93 -15.92
C ALA B 396 -3.51 -17.82 -15.79
N GLU B 397 -2.39 -17.98 -16.49
CA GLU B 397 -1.35 -16.97 -16.40
C GLU B 397 -1.93 -15.56 -16.64
N LEU B 398 -2.94 -15.47 -17.50
CA LEU B 398 -3.57 -14.19 -17.81
C LEU B 398 -4.43 -13.72 -16.66
N THR B 399 -5.45 -14.52 -16.37
CA THR B 399 -6.41 -14.26 -15.28
C THR B 399 -5.69 -13.88 -14.00
N ARG B 400 -4.47 -14.40 -13.84
CA ARG B 400 -3.69 -14.14 -12.65
C ARG B 400 -3.11 -12.76 -12.71
N ALA B 401 -2.14 -12.58 -13.58
CA ALA B 401 -1.49 -11.29 -13.71
C ALA B 401 -2.54 -10.19 -13.68
N ARG B 402 -3.62 -10.40 -14.43
CA ARG B 402 -4.70 -9.41 -14.51
C ARG B 402 -5.09 -8.83 -13.15
N MET B 403 -5.30 -9.74 -12.20
CA MET B 403 -5.72 -9.41 -10.84
C MET B 403 -4.63 -8.78 -9.98
N LEU B 404 -3.43 -8.64 -10.53
CA LEU B 404 -2.38 -8.04 -9.75
C LEU B 404 -2.70 -6.64 -9.33
N TYR B 405 -3.20 -5.85 -10.28
CA TYR B 405 -3.48 -4.45 -10.00
C TYR B 405 -4.92 -3.98 -10.14
N PRO B 406 -5.17 -2.70 -9.86
CA PRO B 406 -6.57 -2.27 -10.01
C PRO B 406 -6.94 -2.18 -11.50
N GLU B 407 -8.25 -2.27 -11.76
CA GLU B 407 -8.75 -2.23 -13.11
C GLU B 407 -8.26 -1.07 -13.97
N GLN B 408 -7.97 0.07 -13.36
CA GLN B 408 -7.49 1.20 -14.16
C GLN B 408 -6.06 1.00 -14.64
N ALA B 409 -5.32 0.18 -13.93
CA ALA B 409 -3.94 -0.08 -14.27
C ALA B 409 -3.81 -1.20 -15.28
N ALA B 410 -4.55 -2.27 -15.03
CA ALA B 410 -4.49 -3.41 -15.90
C ALA B 410 -4.85 -2.96 -17.29
N GLN B 411 -5.77 -2.01 -17.36
CA GLN B 411 -6.25 -1.51 -18.63
C GLN B 411 -5.28 -0.68 -19.50
N GLY B 412 -4.26 -0.09 -18.89
CA GLY B 412 -3.32 0.71 -19.65
C GLY B 412 -1.99 0.03 -19.86
N LEU B 413 -1.85 -1.13 -19.24
CA LEU B 413 -0.63 -1.92 -19.35
C LEU B 413 -0.22 -2.09 -20.80
N TRP B 414 1.04 -1.78 -21.09
CA TRP B 414 1.60 -1.91 -22.43
C TRP B 414 1.93 -3.39 -22.66
N ASN B 415 1.20 -3.99 -23.60
CA ASN B 415 1.37 -5.40 -23.93
C ASN B 415 2.33 -5.58 -25.09
N LEU B 416 3.61 -5.71 -24.79
CA LEU B 416 4.54 -5.87 -25.88
C LEU B 416 4.71 -7.31 -26.23
N LEU B 417 5.19 -7.57 -27.44
CA LEU B 417 5.43 -8.94 -27.87
C LEU B 417 6.94 -9.16 -27.78
N ASP B 418 7.70 -8.10 -28.06
CA ASP B 418 9.16 -8.13 -28.06
C ASP B 418 9.66 -6.72 -27.85
N SER B 419 10.97 -6.52 -27.82
CA SER B 419 11.50 -5.18 -27.60
C SER B 419 12.97 -5.09 -27.93
N HIS B 420 13.53 -3.90 -27.74
CA HIS B 420 14.95 -3.66 -28.00
C HIS B 420 15.85 -4.53 -27.15
N ASP B 421 15.26 -5.23 -26.17
CA ASP B 421 16.05 -6.08 -25.28
C ASP B 421 15.87 -7.56 -25.57
N THR B 422 14.82 -7.89 -26.28
CA THR B 422 14.60 -9.29 -26.56
C THR B 422 14.64 -9.58 -28.05
N GLU B 423 14.37 -10.82 -28.42
CA GLU B 423 14.34 -11.22 -29.82
C GLU B 423 12.95 -10.92 -30.37
N ARG B 424 12.87 -10.74 -31.68
CA ARG B 424 11.59 -10.47 -32.30
C ARG B 424 10.70 -11.70 -32.24
N PHE B 425 9.42 -11.47 -31.97
CA PHE B 425 8.41 -12.52 -31.84
C PHE B 425 8.32 -13.50 -32.98
N LEU B 426 8.52 -13.03 -34.20
CA LEU B 426 8.48 -13.93 -35.34
C LEU B 426 9.58 -14.97 -35.15
N THR B 427 10.75 -14.51 -34.72
CA THR B 427 11.89 -15.38 -34.47
C THR B 427 11.64 -16.31 -33.29
N SER B 428 10.68 -15.94 -32.44
CA SER B 428 10.35 -16.79 -31.30
C SER B 428 9.37 -17.82 -31.81
N CYS B 429 8.80 -17.53 -32.98
CA CYS B 429 7.83 -18.44 -33.60
C CYS B 429 8.51 -19.27 -34.68
N GLY B 430 9.80 -19.04 -34.86
CA GLY B 430 10.57 -19.76 -35.87
C GLY B 430 10.13 -19.38 -37.28
N GLY B 431 9.76 -18.12 -37.44
CA GLY B 431 9.32 -17.62 -38.74
C GLY B 431 7.95 -18.12 -39.13
N ASN B 432 7.15 -18.53 -38.16
CA ASN B 432 5.82 -19.02 -38.49
C ASN B 432 4.77 -17.90 -38.42
N GLU B 433 4.39 -17.38 -39.58
CA GLU B 433 3.41 -16.29 -39.66
C GLU B 433 2.05 -16.66 -39.10
N ALA B 434 1.68 -17.93 -39.23
CA ALA B 434 0.36 -18.35 -38.77
C ALA B 434 0.12 -18.02 -37.31
N LYS B 435 1.06 -18.46 -36.48
CA LYS B 435 1.03 -18.26 -35.04
C LYS B 435 1.08 -16.76 -34.75
N PHE B 436 2.13 -16.14 -35.25
CA PHE B 436 2.36 -14.70 -35.11
C PHE B 436 1.03 -13.96 -35.29
N ARG B 437 0.35 -14.20 -36.39
CA ARG B 437 -0.90 -13.51 -36.65
C ARG B 437 -1.83 -13.56 -35.44
N LEU B 438 -2.20 -14.78 -35.04
CA LEU B 438 -3.10 -14.98 -33.91
C LEU B 438 -2.63 -14.15 -32.71
N ALA B 439 -1.34 -14.23 -32.42
CA ALA B 439 -0.76 -13.48 -31.32
C ALA B 439 -1.17 -12.03 -31.51
N VAL B 440 -0.75 -11.46 -32.62
CA VAL B 440 -1.06 -10.08 -32.93
C VAL B 440 -2.56 -9.87 -32.73
N LEU B 441 -3.35 -10.83 -33.19
CA LEU B 441 -4.79 -10.73 -33.07
C LEU B 441 -5.21 -10.65 -31.60
N PHE B 442 -4.58 -11.46 -30.77
CA PHE B 442 -4.89 -11.48 -29.35
C PHE B 442 -4.36 -10.18 -28.74
N GLN B 443 -3.09 -9.92 -28.99
CA GLN B 443 -2.46 -8.71 -28.48
C GLN B 443 -3.22 -7.47 -28.91
N MET B 444 -4.10 -7.63 -29.89
CA MET B 444 -4.79 -6.49 -30.39
C MET B 444 -6.25 -6.53 -29.98
N THR B 445 -6.64 -7.53 -29.20
CA THR B 445 -8.03 -7.60 -28.77
C THR B 445 -8.09 -7.78 -27.27
N TYR B 446 -6.95 -8.08 -26.68
CA TYR B 446 -6.92 -8.29 -25.24
C TYR B 446 -6.83 -6.98 -24.46
N LEU B 447 -7.10 -7.06 -23.15
CA LEU B 447 -7.07 -5.92 -22.24
C LEU B 447 -5.66 -5.38 -22.09
N GLY B 448 -5.50 -4.07 -22.29
CA GLY B 448 -4.20 -3.45 -22.16
C GLY B 448 -3.75 -2.79 -23.44
N THR B 449 -2.91 -1.76 -23.30
CA THR B 449 -2.41 -1.02 -24.45
C THR B 449 -1.44 -1.78 -25.36
N PRO B 450 -1.83 -1.95 -26.64
CA PRO B 450 -1.02 -2.65 -27.64
C PRO B 450 0.21 -1.85 -28.01
N LEU B 451 1.38 -2.46 -27.82
CA LEU B 451 2.67 -1.82 -28.15
C LEU B 451 3.28 -2.58 -29.32
N ILE B 452 3.55 -1.87 -30.41
CA ILE B 452 4.13 -2.48 -31.60
C ILE B 452 5.60 -2.09 -31.77
N TYR B 453 6.45 -3.09 -31.88
CA TYR B 453 7.88 -2.86 -32.04
C TYR B 453 8.13 -2.53 -33.50
N TYR B 454 8.91 -1.49 -33.73
CA TYR B 454 9.18 -1.08 -35.09
C TYR B 454 9.54 -2.25 -36.00
N GLY B 455 8.89 -2.31 -37.15
CA GLY B 455 9.17 -3.36 -38.11
C GLY B 455 8.27 -4.58 -38.01
N ASP B 456 8.04 -5.05 -36.80
CA ASP B 456 7.19 -6.22 -36.60
C ASP B 456 5.82 -6.12 -37.28
N GLU B 457 5.45 -4.93 -37.77
CA GLU B 457 4.16 -4.79 -38.42
C GLU B 457 4.23 -5.18 -39.90
N ILE B 458 5.45 -5.37 -40.40
CA ILE B 458 5.66 -5.76 -41.78
C ILE B 458 6.40 -7.11 -41.92
N GLY B 459 6.54 -7.82 -40.81
CA GLY B 459 7.21 -9.11 -40.82
C GLY B 459 8.62 -9.12 -40.25
N MET B 460 9.31 -7.97 -40.30
CA MET B 460 10.68 -7.86 -39.81
C MET B 460 11.01 -8.84 -38.69
N ALA B 461 11.78 -9.87 -39.04
CA ALA B 461 12.18 -10.89 -38.09
C ALA B 461 13.56 -10.52 -37.51
N GLY B 462 14.06 -11.36 -36.61
CA GLY B 462 15.36 -11.10 -36.02
C GLY B 462 15.59 -11.70 -34.65
N ALA B 463 16.83 -12.12 -34.41
CA ALA B 463 17.21 -12.73 -33.14
C ALA B 463 17.39 -11.68 -32.03
N THR B 464 17.64 -12.15 -30.82
CA THR B 464 17.82 -11.27 -29.67
C THR B 464 18.91 -10.20 -29.90
N ASP B 465 18.92 -9.20 -29.04
CA ASP B 465 19.89 -8.12 -29.14
C ASP B 465 21.25 -8.70 -29.46
N PRO B 466 21.97 -8.06 -30.38
CA PRO B 466 21.55 -6.85 -31.09
C PRO B 466 20.98 -7.19 -32.46
N ASP B 467 20.28 -8.32 -32.58
CA ASP B 467 19.73 -8.72 -33.88
C ASP B 467 18.25 -8.32 -33.98
N CYS B 468 17.73 -7.74 -32.91
CA CYS B 468 16.35 -7.29 -32.88
C CYS B 468 16.30 -5.87 -33.43
N LYS B 469 17.48 -5.28 -33.59
CA LYS B 469 17.60 -3.92 -34.10
C LYS B 469 18.06 -3.86 -35.56
N ARG B 470 17.50 -4.73 -36.41
CA ARG B 470 17.89 -4.71 -37.81
C ARG B 470 17.27 -3.48 -38.45
N PRO B 471 17.97 -2.88 -39.41
CA PRO B 471 17.51 -1.68 -40.12
C PRO B 471 16.13 -1.84 -40.73
N MET B 472 15.21 -0.97 -40.33
CA MET B 472 13.83 -0.97 -40.81
C MET B 472 13.70 -1.22 -42.32
N ILE B 473 12.84 -2.16 -42.69
CA ILE B 473 12.62 -2.47 -44.09
C ILE B 473 11.72 -1.41 -44.72
N TRP B 474 12.25 -0.57 -45.60
CA TRP B 474 11.42 0.46 -46.21
C TRP B 474 11.01 0.19 -47.66
N GLU B 475 11.75 -0.67 -48.35
CA GLU B 475 11.42 -1.00 -49.72
C GLU B 475 10.16 -1.86 -49.76
N GLU B 476 9.05 -1.22 -50.08
CA GLU B 476 7.75 -1.86 -50.17
C GLU B 476 7.82 -3.27 -50.79
N LYS B 477 8.65 -3.43 -51.82
CA LYS B 477 8.78 -4.73 -52.48
C LYS B 477 9.14 -5.80 -51.47
N GLU B 478 10.23 -5.54 -50.73
CA GLU B 478 10.73 -6.46 -49.71
C GLU B 478 9.97 -6.28 -48.39
N GLN B 479 8.64 -6.15 -48.48
CA GLN B 479 7.84 -5.98 -47.27
C GLN B 479 6.65 -6.93 -47.29
N ASN B 480 6.14 -7.26 -46.10
CA ASN B 480 5.01 -8.15 -45.99
C ASN B 480 3.74 -7.34 -45.87
N ARG B 481 3.38 -6.62 -46.92
CA ARG B 481 2.16 -5.82 -46.87
C ARG B 481 0.97 -6.63 -46.37
N GLY B 482 1.03 -7.94 -46.52
CA GLY B 482 -0.06 -8.79 -46.07
C GLY B 482 -0.28 -8.69 -44.58
N LEU B 483 0.83 -8.53 -43.87
CA LEU B 483 0.81 -8.41 -42.42
C LEU B 483 0.41 -6.99 -42.12
N PHE B 484 1.07 -6.06 -42.79
CA PHE B 484 0.80 -4.65 -42.63
C PHE B 484 -0.72 -4.38 -42.62
N GLU B 485 -1.40 -4.82 -43.67
CA GLU B 485 -2.85 -4.62 -43.78
C GLU B 485 -3.59 -5.42 -42.72
N PHE B 486 -2.93 -6.44 -42.18
CA PHE B 486 -3.54 -7.26 -41.14
C PHE B 486 -3.51 -6.43 -39.86
N TYR B 487 -2.32 -5.93 -39.54
CA TYR B 487 -2.17 -5.09 -38.37
C TYR B 487 -3.19 -3.97 -38.48
N LYS B 488 -3.05 -3.15 -39.51
CA LYS B 488 -3.97 -2.03 -39.74
C LYS B 488 -5.43 -2.41 -39.45
N GLU B 489 -5.96 -3.38 -40.19
CA GLU B 489 -7.36 -3.74 -39.96
C GLU B 489 -7.68 -4.03 -38.51
N LEU B 490 -6.70 -4.60 -37.81
CA LEU B 490 -6.90 -4.92 -36.40
C LEU B 490 -7.04 -3.64 -35.61
N ILE B 491 -6.10 -2.73 -35.83
CA ILE B 491 -6.13 -1.46 -35.12
C ILE B 491 -7.48 -0.78 -35.30
N ARG B 492 -7.93 -0.70 -36.55
CA ARG B 492 -9.22 -0.09 -36.87
C ARG B 492 -10.34 -0.69 -36.04
N LEU B 493 -10.38 -2.00 -35.96
CA LEU B 493 -11.43 -2.64 -35.19
C LEU B 493 -11.40 -2.24 -33.74
N ARG B 494 -10.22 -2.33 -33.13
CA ARG B 494 -10.05 -2.00 -31.70
C ARG B 494 -10.51 -0.58 -31.41
N HIS B 495 -10.53 0.25 -32.46
CA HIS B 495 -10.94 1.63 -32.34
C HIS B 495 -12.44 1.74 -32.56
N ARG B 496 -13.03 0.70 -33.14
CA ARG B 496 -14.45 0.77 -33.39
C ARG B 496 -15.24 0.08 -32.28
N LEU B 497 -14.65 -0.95 -31.70
CA LEU B 497 -15.30 -1.70 -30.64
C LEU B 497 -14.91 -1.26 -29.25
N ALA B 498 -15.74 -0.43 -28.63
CA ALA B 498 -15.47 0.09 -27.27
C ALA B 498 -14.87 -0.95 -26.33
N SER B 499 -15.50 -2.12 -26.30
CA SER B 499 -15.13 -3.28 -25.48
C SER B 499 -13.67 -3.64 -25.45
N LEU B 500 -13.06 -3.61 -26.63
CA LEU B 500 -11.66 -3.93 -26.86
C LEU B 500 -10.70 -2.97 -26.19
N THR B 501 -11.16 -1.78 -25.84
CA THR B 501 -10.26 -0.83 -25.20
C THR B 501 -10.73 -0.49 -23.79
N ARG B 502 -12.03 -0.23 -23.65
CA ARG B 502 -12.59 0.13 -22.36
C ARG B 502 -13.49 -0.94 -21.73
N GLY B 503 -13.27 -2.20 -22.10
CA GLY B 503 -14.06 -3.29 -21.57
C GLY B 503 -13.32 -4.19 -20.59
N ASN B 504 -14.06 -4.97 -19.81
CA ASN B 504 -13.42 -5.87 -18.86
C ASN B 504 -13.10 -7.15 -19.60
N VAL B 505 -12.56 -8.15 -18.89
CA VAL B 505 -12.22 -9.44 -19.50
C VAL B 505 -12.67 -10.62 -18.68
N ARG B 506 -13.24 -11.62 -19.33
CA ARG B 506 -13.68 -12.81 -18.63
C ARG B 506 -13.50 -13.98 -19.58
N SER B 507 -12.97 -15.09 -19.08
CA SER B 507 -12.77 -16.26 -19.94
C SER B 507 -14.10 -16.84 -20.39
N TRP B 508 -14.10 -17.28 -21.64
CA TRP B 508 -15.29 -17.84 -22.24
C TRP B 508 -15.17 -19.35 -22.37
N HIS B 509 -13.98 -19.77 -22.80
CA HIS B 509 -13.72 -21.17 -23.01
C HIS B 509 -12.22 -21.44 -23.00
N ALA B 510 -11.83 -22.55 -22.38
CA ALA B 510 -10.42 -22.92 -22.30
C ALA B 510 -10.34 -24.44 -22.27
N ASP B 511 -9.87 -25.01 -23.36
CA ASP B 511 -9.75 -26.45 -23.50
C ASP B 511 -8.30 -26.91 -23.71
N LYS B 512 -7.80 -27.68 -22.74
CA LYS B 512 -6.45 -28.21 -22.77
C LYS B 512 -6.24 -29.18 -23.94
N GLN B 513 -7.31 -29.85 -24.37
CA GLN B 513 -7.19 -30.79 -25.48
C GLN B 513 -6.94 -30.04 -26.78
N ALA B 514 -8.03 -29.49 -27.33
CA ALA B 514 -7.99 -28.74 -28.59
C ALA B 514 -7.00 -27.59 -28.52
N ASN B 515 -6.78 -27.09 -27.31
CA ASN B 515 -5.85 -25.98 -27.07
C ASN B 515 -6.44 -24.72 -27.66
N LEU B 516 -7.74 -24.57 -27.45
CA LEU B 516 -8.46 -23.43 -27.96
C LEU B 516 -8.96 -22.55 -26.82
N TYR B 517 -8.51 -21.31 -26.83
CA TYR B 517 -8.88 -20.35 -25.81
C TYR B 517 -9.73 -19.23 -26.40
N ALA B 518 -10.81 -18.90 -25.69
CA ALA B 518 -11.72 -17.83 -26.12
C ALA B 518 -12.10 -16.93 -24.95
N PHE B 519 -11.87 -15.63 -25.09
CA PHE B 519 -12.21 -14.68 -24.02
C PHE B 519 -13.23 -13.67 -24.49
N VAL B 520 -13.80 -12.95 -23.54
CA VAL B 520 -14.81 -11.94 -23.87
C VAL B 520 -14.61 -10.55 -23.25
N ARG B 521 -14.53 -9.54 -24.10
CA ARG B 521 -14.38 -8.17 -23.64
C ARG B 521 -15.79 -7.60 -23.58
N THR B 522 -16.09 -6.84 -22.53
CA THR B 522 -17.44 -6.30 -22.37
C THR B 522 -17.49 -4.89 -21.80
N VAL B 523 -18.51 -4.14 -22.24
CA VAL B 523 -18.72 -2.79 -21.76
C VAL B 523 -20.20 -2.54 -21.86
N GLN B 524 -20.82 -2.20 -20.73
CA GLN B 524 -22.25 -1.96 -20.69
C GLN B 524 -22.98 -3.17 -21.26
N ASP B 525 -23.49 -3.04 -22.48
CA ASP B 525 -24.24 -4.12 -23.12
C ASP B 525 -23.55 -4.77 -24.30
N GLN B 526 -22.38 -4.24 -24.66
CA GLN B 526 -21.64 -4.73 -25.79
C GLN B 526 -20.80 -5.93 -25.45
N HIS B 527 -20.55 -6.77 -26.43
CA HIS B 527 -19.74 -7.94 -26.20
C HIS B 527 -18.90 -8.25 -27.40
N VAL B 528 -17.73 -8.79 -27.16
CA VAL B 528 -16.84 -9.14 -28.24
C VAL B 528 -16.24 -10.48 -27.88
N GLY B 529 -16.89 -11.56 -28.28
CA GLY B 529 -16.36 -12.87 -27.98
C GLY B 529 -15.21 -13.14 -28.92
N VAL B 530 -13.99 -13.24 -28.38
CA VAL B 530 -12.83 -13.52 -29.22
C VAL B 530 -12.50 -14.99 -28.98
N VAL B 531 -12.38 -15.76 -30.07
CA VAL B 531 -12.05 -17.17 -29.96
C VAL B 531 -10.75 -17.46 -30.67
N LEU B 532 -9.84 -18.13 -29.98
CA LEU B 532 -8.54 -18.45 -30.56
C LEU B 532 -8.31 -19.92 -30.72
N ASN B 533 -8.12 -20.35 -31.98
CA ASN B 533 -7.89 -21.76 -32.29
C ASN B 533 -6.40 -22.03 -32.49
N ASN B 534 -5.73 -22.34 -31.39
CA ASN B 534 -4.31 -22.61 -31.44
C ASN B 534 -3.99 -24.09 -31.66
N ARG B 535 -4.12 -24.55 -32.91
CA ARG B 535 -3.87 -25.94 -33.30
C ARG B 535 -3.74 -26.02 -34.82
N GLY B 536 -2.76 -26.79 -35.29
CA GLY B 536 -2.56 -26.93 -36.73
C GLY B 536 -3.72 -27.61 -37.46
N GLU B 537 -4.74 -28.01 -36.69
CA GLU B 537 -5.92 -28.68 -37.26
C GLU B 537 -7.16 -27.78 -37.24
N LYS B 538 -8.14 -28.17 -38.05
CA LYS B 538 -9.41 -27.46 -38.14
C LYS B 538 -10.33 -28.03 -37.07
N GLN B 539 -10.23 -27.53 -35.85
CA GLN B 539 -11.09 -28.04 -34.79
C GLN B 539 -12.41 -27.27 -34.68
N THR B 540 -13.42 -27.91 -34.08
CA THR B 540 -14.77 -27.35 -33.90
C THR B 540 -15.19 -27.45 -32.45
N VAL B 541 -15.35 -26.31 -31.78
CA VAL B 541 -15.74 -26.32 -30.38
C VAL B 541 -17.09 -25.68 -30.11
N LEU B 542 -17.66 -26.03 -28.95
CA LEU B 542 -18.96 -25.50 -28.57
C LEU B 542 -18.78 -24.43 -27.50
N LEU B 543 -19.61 -23.38 -27.56
CA LEU B 543 -19.52 -22.26 -26.63
C LEU B 543 -20.83 -21.99 -25.90
N GLN B 544 -20.74 -21.82 -24.59
CA GLN B 544 -21.90 -21.57 -23.78
C GLN B 544 -22.37 -20.12 -23.91
N VAL B 545 -23.58 -19.93 -24.42
CA VAL B 545 -24.08 -18.58 -24.61
C VAL B 545 -25.54 -18.35 -24.26
N PRO B 546 -25.81 -18.00 -23.00
CA PRO B 546 -27.21 -17.77 -22.62
C PRO B 546 -27.82 -16.65 -23.46
N GLU B 547 -29.06 -16.88 -23.87
CA GLU B 547 -29.84 -15.92 -24.69
C GLU B 547 -30.00 -14.53 -24.05
N SER B 548 -29.29 -14.30 -22.94
CA SER B 548 -29.35 -13.02 -22.25
C SER B 548 -28.35 -12.06 -22.91
N GLY B 549 -27.18 -12.58 -23.22
CA GLY B 549 -26.14 -11.77 -23.84
C GLY B 549 -26.30 -11.59 -25.34
N GLY B 550 -27.19 -12.37 -25.94
CA GLY B 550 -27.40 -12.27 -27.37
C GLY B 550 -27.62 -13.65 -27.96
N LYS B 551 -28.05 -13.70 -29.21
CA LYS B 551 -28.33 -14.96 -29.88
C LYS B 551 -27.65 -14.99 -31.24
N THR B 552 -27.17 -13.83 -31.68
CA THR B 552 -26.52 -13.71 -32.97
C THR B 552 -25.27 -12.83 -32.90
N TRP B 553 -24.17 -13.37 -33.40
CA TRP B 553 -22.87 -12.70 -33.41
C TRP B 553 -22.32 -12.51 -34.82
N LEU B 554 -21.33 -11.63 -34.94
CA LEU B 554 -20.75 -11.34 -36.23
C LEU B 554 -19.23 -11.32 -36.18
N ASP B 555 -18.59 -12.11 -37.03
CA ASP B 555 -17.13 -12.12 -37.06
C ASP B 555 -16.64 -10.95 -37.88
N CYS B 556 -16.23 -9.89 -37.21
CA CYS B 556 -15.78 -8.70 -37.92
C CYS B 556 -14.61 -8.91 -38.87
N LEU B 557 -13.94 -10.05 -38.72
CA LEU B 557 -12.79 -10.37 -39.56
C LEU B 557 -13.18 -10.95 -40.91
N THR B 558 -14.31 -11.63 -40.94
CA THR B 558 -14.74 -12.23 -42.17
C THR B 558 -16.08 -11.67 -42.60
N GLY B 559 -16.96 -11.46 -41.64
CA GLY B 559 -18.27 -10.94 -41.96
C GLY B 559 -19.36 -11.98 -41.89
N GLU B 560 -18.97 -13.21 -41.55
CA GLU B 560 -19.93 -14.31 -41.44
C GLU B 560 -20.87 -14.05 -40.26
N GLU B 561 -22.08 -14.57 -40.31
CA GLU B 561 -23.02 -14.34 -39.22
C GLU B 561 -23.43 -15.64 -38.52
N VAL B 562 -22.90 -15.87 -37.32
CA VAL B 562 -23.21 -17.09 -36.57
C VAL B 562 -24.40 -16.89 -35.65
N HIS B 563 -25.11 -17.98 -35.35
CA HIS B 563 -26.30 -17.90 -34.48
C HIS B 563 -26.25 -18.92 -33.36
N GLY B 564 -26.73 -18.52 -32.18
CA GLY B 564 -26.73 -19.42 -31.04
C GLY B 564 -28.07 -20.10 -30.88
N LYS B 565 -28.05 -21.33 -30.39
CA LYS B 565 -29.30 -22.06 -30.22
C LYS B 565 -29.46 -22.60 -28.81
N GLN B 566 -30.65 -22.38 -28.24
CA GLN B 566 -30.97 -22.85 -26.90
C GLN B 566 -29.83 -22.63 -25.91
N GLY B 567 -29.19 -21.46 -26.00
CA GLY B 567 -28.07 -21.17 -25.11
C GLY B 567 -26.85 -22.02 -25.44
N GLN B 568 -26.57 -22.17 -26.74
CA GLN B 568 -25.43 -22.93 -27.22
C GLN B 568 -24.98 -22.34 -28.56
N LEU B 569 -23.67 -22.18 -28.72
CA LEU B 569 -23.11 -21.60 -29.95
C LEU B 569 -22.07 -22.50 -30.59
N LYS B 570 -22.36 -23.00 -31.79
CA LYS B 570 -21.43 -23.89 -32.48
C LYS B 570 -20.56 -23.14 -33.47
N LEU B 571 -19.26 -23.18 -33.29
CA LEU B 571 -18.38 -22.49 -34.21
C LEU B 571 -17.31 -23.41 -34.78
N THR B 572 -17.03 -23.28 -36.07
CA THR B 572 -16.00 -24.10 -36.69
C THR B 572 -14.83 -23.21 -37.03
N LEU B 573 -13.72 -23.41 -36.34
CA LEU B 573 -12.55 -22.59 -36.59
C LEU B 573 -11.52 -23.35 -37.42
N ARG B 574 -10.72 -22.61 -38.17
CA ARG B 574 -9.68 -23.18 -39.01
C ARG B 574 -8.36 -23.21 -38.24
N PRO B 575 -7.30 -23.72 -38.87
CA PRO B 575 -6.00 -23.78 -38.21
C PRO B 575 -5.47 -22.38 -37.86
N TYR B 576 -5.30 -22.14 -36.56
CA TYR B 576 -4.81 -20.85 -36.06
C TYR B 576 -5.66 -19.66 -36.50
N GLN B 577 -6.96 -19.87 -36.64
CA GLN B 577 -7.83 -18.78 -37.05
C GLN B 577 -8.39 -18.02 -35.85
N GLY B 578 -8.45 -16.69 -35.98
CA GLY B 578 -8.99 -15.88 -34.91
C GLY B 578 -10.38 -15.38 -35.27
N MET B 579 -11.31 -15.45 -34.34
CA MET B 579 -12.63 -14.94 -34.62
C MET B 579 -12.95 -13.83 -33.64
N ILE B 580 -13.61 -12.78 -34.14
CA ILE B 580 -13.98 -11.65 -33.31
C ILE B 580 -15.46 -11.37 -33.48
N LEU B 581 -16.25 -12.04 -32.65
CA LEU B 581 -17.70 -11.95 -32.68
C LEU B 581 -18.30 -10.82 -31.86
N TRP B 582 -19.01 -9.94 -32.56
CA TRP B 582 -19.65 -8.81 -31.92
C TRP B 582 -21.15 -9.10 -31.76
N ASN B 583 -21.66 -8.92 -30.55
CA ASN B 583 -23.06 -9.17 -30.28
C ASN B 583 -23.98 -8.16 -30.96
N GLY B 584 -23.41 -7.31 -31.81
CA GLY B 584 -24.23 -6.33 -32.49
C GLY B 584 -24.85 -5.28 -31.60
N ARG B 585 -24.19 -4.95 -30.48
CA ARG B 585 -24.73 -3.95 -29.59
C ARG B 585 -23.63 -3.01 -29.12
CA CA C . -11.78 26.46 35.88
CA CA D . 21.13 10.75 -40.15
#